data_6BI8
#
_entry.id   6BI8
#
_cell.length_a   148.035
_cell.length_b   148.035
_cell.length_c   134.189
_cell.angle_alpha   90.000
_cell.angle_beta   90.000
_cell.angle_gamma   120.000
#
_symmetry.space_group_name_H-M   'H 3'
#
loop_
_entity.id
_entity.type
_entity.pdbx_description
1 polymer ORF1a
2 polymer 'Ubiquitin-like protein ISG15'
3 non-polymer 'TRIETHYLENE GLYCOL'
4 non-polymer 'ZINC ION'
5 non-polymer GLYCEROL
6 non-polymer prop-2-en-1-amine
7 non-polymer 'CITRIC ACID'
8 non-polymer 1,2-ETHANEDIOL
9 water water
#
loop_
_entity_poly.entity_id
_entity_poly.type
_entity_poly.pdbx_seq_one_letter_code
_entity_poly.pdbx_strand_id
1 'polypeptide(L)'
;NDETKALKELYGPVDPTFLHRFYSLKAAVHGWKMVVCDKVRSLKLSDNNCYLNAVIMTLDLLKDIKFVIPALQHAFMKHK
GGDSTDFIALIMAYGNCTFGAPDDASRLLHTVLAKAELCCSARMVWREWCNVCGIKDVVLQGLKACCYVGVQTVEDLRAR
MTYVCQCGGERHRQLVEHTTPWLLLSGTPNEKLVTTSTAPDFVAFNVFQGIETAVGHYVHARLKGGLILKFDSGTVSKTS
DWKCKVTDVLFPGQKYSSD
;
A,B
2 'polypeptide(L)'
;MGWDLTVKMLAGNEFQVSLSSSMSVSELKAQITQKIGVHAFQQRLAVHPSGVALQDRVPLASQGLGPGSTVLLVVDKSDE
PLSILVRNNKGRSSTYEVRLTQTVAHLKQQVSGLEGVQDDLFWLTFEGKPLEDQLPLGEYGLKPLSTVFMNLRLRG
;
C,D
#
# COMPACT_ATOMS: atom_id res chain seq x y z
N ASN A 1 18.55 5.36 10.89
CA ASN A 1 19.03 5.01 9.56
C ASN A 1 17.89 4.61 8.62
N ASP A 2 18.26 4.20 7.41
CA ASP A 2 17.30 3.87 6.36
C ASP A 2 16.41 2.68 6.78
N GLU A 3 17.03 1.65 7.34
CA GLU A 3 16.32 0.47 7.79
C GLU A 3 15.27 0.82 8.85
N THR A 4 15.64 1.64 9.82
CA THR A 4 14.72 2.05 10.87
C THR A 4 13.58 2.90 10.31
N LYS A 5 13.90 3.74 9.33
CA LYS A 5 12.85 4.54 8.71
C LYS A 5 11.83 3.66 7.99
N ALA A 6 12.32 2.62 7.32
CA ALA A 6 11.45 1.76 6.54
C ALA A 6 10.51 0.93 7.45
N LEU A 7 11.03 0.41 8.56
CA LEU A 7 10.19 -0.31 9.52
C LEU A 7 9.12 0.60 10.10
N LYS A 8 9.48 1.87 10.26
CA LYS A 8 8.56 2.88 10.76
C LYS A 8 7.44 3.16 9.76
N GLU A 9 7.80 3.29 8.50
CA GLU A 9 6.81 3.43 7.46
C GLU A 9 5.91 2.18 7.41
N LEU A 10 6.53 1.02 7.53
CA LEU A 10 5.83 -0.25 7.34
C LEU A 10 4.86 -0.60 8.50
N TYR A 11 5.31 -0.45 9.74
CA TYR A 11 4.50 -0.85 10.89
C TYR A 11 4.00 0.32 11.71
N GLY A 12 4.47 1.52 11.35
CA GLY A 12 4.14 2.70 12.12
C GLY A 12 4.90 2.69 13.43
N PRO A 13 4.59 3.65 14.32
CA PRO A 13 5.19 3.74 15.66
C PRO A 13 4.80 2.54 16.51
N VAL A 14 5.78 1.71 16.85
CA VAL A 14 5.55 0.55 17.69
C VAL A 14 6.63 0.47 18.75
N ASP A 15 6.37 -0.26 19.81
CA ASP A 15 7.34 -0.47 20.87
C ASP A 15 8.49 -1.40 20.44
N PRO A 16 9.60 -1.38 21.20
CA PRO A 16 10.82 -2.14 20.87
C PRO A 16 10.61 -3.66 20.79
N THR A 17 9.61 -4.21 21.47
CA THR A 17 9.34 -5.65 21.39
C THR A 17 8.48 -6.04 20.21
N PHE A 18 7.80 -5.07 19.58
CA PHE A 18 6.75 -5.40 18.61
C PHE A 18 7.18 -6.39 17.53
N LEU A 19 8.32 -6.14 16.88
CA LEU A 19 8.73 -6.98 15.74
C LEU A 19 9.06 -8.40 16.16
N HIS A 20 9.62 -8.56 17.35
N HIS A 20 9.61 -8.56 17.36
CA HIS A 20 9.89 -9.90 17.87
CA HIS A 20 9.91 -9.90 17.86
C HIS A 20 8.56 -10.62 18.08
C HIS A 20 8.59 -10.64 18.14
N ARG A 21 7.64 -9.95 18.78
CA ARG A 21 6.33 -10.55 19.05
C ARG A 21 5.61 -10.91 17.76
N PHE A 22 5.58 -10.00 16.80
CA PHE A 22 4.96 -10.27 15.50
C PHE A 22 5.54 -11.53 14.87
N TYR A 23 6.85 -11.59 14.75
CA TYR A 23 7.51 -12.73 14.09
C TYR A 23 7.32 -14.06 14.83
N SER A 24 7.24 -13.99 16.15
N SER A 24 7.24 -14.00 16.16
CA SER A 24 6.98 -15.20 16.93
CA SER A 24 6.97 -15.22 16.92
C SER A 24 5.52 -15.66 16.75
C SER A 24 5.51 -15.65 16.74
N LEU A 25 4.59 -14.70 16.67
CA LEU A 25 3.17 -15.04 16.53
C LEU A 25 2.98 -15.65 15.16
N LYS A 26 3.66 -15.07 14.18
CA LYS A 26 3.60 -15.55 12.81
C LYS A 26 3.92 -17.04 12.74
N ALA A 27 5.01 -17.42 13.41
CA ALA A 27 5.42 -18.82 13.46
C ALA A 27 4.43 -19.63 14.26
N ALA A 28 4.02 -19.11 15.41
CA ALA A 28 3.16 -19.86 16.31
C ALA A 28 1.74 -20.14 15.74
N VAL A 29 1.18 -19.21 14.98
CA VAL A 29 -0.18 -19.43 14.47
C VAL A 29 -0.17 -20.04 13.07
N HIS A 30 1.01 -20.49 12.64
CA HIS A 30 1.15 -21.04 11.29
C HIS A 30 0.24 -22.22 10.99
N GLY A 31 -0.09 -23.01 12.00
CA GLY A 31 -0.92 -24.19 11.80
C GLY A 31 -2.43 -23.96 11.80
N TRP A 32 -2.87 -22.81 12.28
CA TRP A 32 -4.29 -22.47 12.34
C TRP A 32 -4.94 -22.55 10.97
N LYS A 33 -6.22 -22.90 10.90
CA LYS A 33 -6.90 -22.95 9.62
C LYS A 33 -8.15 -22.09 9.61
N MET A 34 -8.42 -21.52 8.44
CA MET A 34 -9.66 -20.83 8.13
C MET A 34 -10.52 -21.83 7.36
N VAL A 35 -11.63 -22.28 7.94
CA VAL A 35 -12.47 -23.27 7.27
C VAL A 35 -13.77 -22.68 6.73
N VAL A 36 -14.20 -23.17 5.57
CA VAL A 36 -15.46 -22.71 4.98
C VAL A 36 -16.68 -23.35 5.62
N CYS A 37 -17.54 -22.49 6.18
CA CYS A 37 -18.83 -22.88 6.74
C CYS A 37 -19.90 -22.02 6.11
N ASP A 38 -20.96 -22.65 5.59
CA ASP A 38 -22.03 -21.94 4.91
C ASP A 38 -21.45 -20.88 3.96
N LYS A 39 -20.37 -21.25 3.28
CA LYS A 39 -19.76 -20.42 2.25
C LYS A 39 -19.01 -19.19 2.81
N VAL A 40 -18.75 -19.17 4.11
CA VAL A 40 -17.90 -18.12 4.65
C VAL A 40 -16.80 -18.75 5.49
N ARG A 41 -15.73 -17.99 5.69
CA ARG A 41 -14.59 -18.49 6.41
C ARG A 41 -14.69 -18.21 7.90
N SER A 42 -14.31 -19.21 8.70
CA SER A 42 -14.38 -19.11 10.15
C SER A 42 -13.07 -19.70 10.68
N LEU A 43 -12.55 -19.13 11.77
CA LEU A 43 -11.30 -19.60 12.32
C LEU A 43 -11.51 -20.88 13.17
N LYS A 44 -10.90 -21.97 12.72
CA LYS A 44 -11.00 -23.24 13.44
C LYS A 44 -10.42 -23.14 14.85
N LEU A 45 -11.17 -23.63 15.83
CA LEU A 45 -10.77 -23.52 17.22
C LEU A 45 -9.40 -24.13 17.47
N SER A 46 -8.58 -23.42 18.23
CA SER A 46 -7.23 -23.86 18.54
C SER A 46 -6.64 -22.88 19.52
N ASP A 47 -5.95 -23.40 20.53
CA ASP A 47 -5.18 -22.57 21.45
C ASP A 47 -5.95 -21.36 21.93
N ASN A 48 -7.22 -21.56 22.26
CA ASN A 48 -7.99 -20.48 22.84
C ASN A 48 -8.19 -19.31 21.88
N ASN A 49 -8.28 -19.57 20.57
CA ASN A 49 -8.37 -18.49 19.61
C ASN A 49 -9.81 -18.02 19.29
N CYS A 50 -10.80 -18.43 20.09
CA CYS A 50 -12.19 -18.18 19.70
C CYS A 50 -12.45 -16.66 19.60
N TYR A 51 -11.79 -15.88 20.45
CA TYR A 51 -11.96 -14.44 20.44
C TYR A 51 -11.47 -13.87 19.12
N LEU A 52 -10.55 -14.57 18.47
CA LEU A 52 -10.07 -14.11 17.17
C LEU A 52 -11.06 -14.49 16.07
N ASN A 53 -11.78 -15.59 16.26
CA ASN A 53 -12.84 -15.95 15.33
C ASN A 53 -13.88 -14.83 15.29
N ALA A 54 -14.29 -14.39 16.48
CA ALA A 54 -15.25 -13.30 16.61
C ALA A 54 -14.73 -12.05 15.89
N VAL A 55 -13.50 -11.65 16.23
CA VAL A 55 -12.91 -10.45 15.64
C VAL A 55 -12.79 -10.57 14.11
N ILE A 56 -12.31 -11.71 13.63
CA ILE A 56 -12.06 -11.85 12.19
C ILE A 56 -13.36 -11.87 11.39
N MET A 57 -14.36 -12.59 11.89
CA MET A 57 -15.62 -12.73 11.17
C MET A 57 -16.42 -11.43 11.21
N THR A 58 -16.24 -10.64 12.26
CA THR A 58 -16.88 -9.33 12.32
C THR A 58 -16.24 -8.37 11.30
N LEU A 59 -14.91 -8.28 11.28
CA LEU A 59 -14.21 -7.40 10.34
C LEU A 59 -14.61 -7.73 8.91
N ASP A 60 -14.76 -9.02 8.61
CA ASP A 60 -15.12 -9.46 7.27
C ASP A 60 -16.50 -8.92 6.87
N LEU A 61 -17.30 -8.46 7.83
CA LEU A 61 -18.61 -7.89 7.51
C LEU A 61 -18.55 -6.37 7.28
N LEU A 62 -17.41 -5.76 7.56
CA LEU A 62 -17.31 -4.31 7.55
C LEU A 62 -16.86 -3.76 6.19
N LYS A 63 -17.82 -3.36 5.37
CA LYS A 63 -17.53 -2.89 4.02
C LYS A 63 -16.73 -1.59 4.02
N ASP A 64 -15.85 -1.47 3.03
CA ASP A 64 -15.11 -0.23 2.81
C ASP A 64 -14.15 0.18 3.92
N ILE A 65 -13.67 -0.77 4.72
CA ILE A 65 -12.59 -0.39 5.62
C ILE A 65 -11.25 -0.63 4.95
N LYS A 66 -10.25 0.05 5.45
CA LYS A 66 -8.91 -0.07 4.94
C LYS A 66 -8.01 0.31 6.08
N PHE A 67 -6.85 -0.32 6.17
CA PHE A 67 -5.93 -0.01 7.26
C PHE A 67 -4.88 1.03 6.84
N VAL A 68 -4.56 1.95 7.75
CA VAL A 68 -3.72 3.10 7.42
C VAL A 68 -2.25 2.74 7.63
N ILE A 69 -2.01 1.66 8.35
CA ILE A 69 -0.69 1.06 8.48
C ILE A 69 -0.45 0.07 7.32
N PRO A 70 0.61 0.28 6.54
CA PRO A 70 0.73 -0.50 5.30
C PRO A 70 0.88 -2.01 5.52
N ALA A 71 1.61 -2.45 6.53
CA ALA A 71 1.79 -3.89 6.73
C ALA A 71 0.46 -4.54 7.09
N LEU A 72 -0.36 -3.76 7.77
CA LEU A 72 -1.63 -4.25 8.25
C LEU A 72 -2.59 -4.33 7.07
N GLN A 73 -2.51 -3.37 6.16
CA GLN A 73 -3.39 -3.37 5.00
C GLN A 73 -3.01 -4.50 4.06
N HIS A 74 -1.71 -4.73 3.90
CA HIS A 74 -1.22 -5.83 3.07
C HIS A 74 -1.64 -7.20 3.63
N ALA A 75 -1.46 -7.38 4.93
CA ALA A 75 -1.88 -8.60 5.60
C ALA A 75 -3.39 -8.82 5.43
N PHE A 76 -4.15 -7.73 5.61
CA PHE A 76 -5.58 -7.71 5.42
C PHE A 76 -5.93 -8.15 3.99
N MET A 77 -5.20 -7.63 3.02
N MET A 77 -5.22 -7.65 3.01
CA MET A 77 -5.41 -8.02 1.62
CA MET A 77 -5.47 -8.04 1.62
C MET A 77 -5.16 -9.51 1.44
C MET A 77 -5.16 -9.53 1.42
N LYS A 78 -4.08 -10.00 2.05
CA LYS A 78 -3.69 -11.40 1.89
C LYS A 78 -4.73 -12.31 2.50
N HIS A 79 -5.28 -11.87 3.63
CA HIS A 79 -6.34 -12.55 4.34
C HIS A 79 -7.58 -12.69 3.44
N LYS A 80 -7.98 -11.59 2.81
CA LYS A 80 -9.09 -11.62 1.85
C LYS A 80 -8.79 -12.49 0.65
N GLY A 81 -7.50 -12.66 0.35
CA GLY A 81 -7.08 -13.49 -0.75
C GLY A 81 -6.92 -14.94 -0.30
N GLY A 82 -7.26 -15.21 0.96
CA GLY A 82 -7.25 -16.58 1.45
C GLY A 82 -5.98 -17.05 2.18
N ASP A 83 -5.10 -16.13 2.55
CA ASP A 83 -3.92 -16.48 3.38
C ASP A 83 -3.85 -15.56 4.60
N SER A 84 -4.40 -16.05 5.71
CA SER A 84 -4.74 -15.20 6.85
C SER A 84 -3.71 -15.12 7.95
N THR A 85 -2.68 -15.94 7.85
CA THR A 85 -1.69 -16.05 8.92
C THR A 85 -1.07 -14.72 9.34
N ASP A 86 -0.64 -13.93 8.37
CA ASP A 86 -0.02 -12.64 8.68
C ASP A 86 -0.98 -11.70 9.42
N PHE A 87 -2.21 -11.58 8.89
CA PHE A 87 -3.20 -10.69 9.48
C PHE A 87 -3.47 -11.08 10.92
N ILE A 88 -3.57 -12.38 11.17
CA ILE A 88 -3.89 -12.88 12.49
C ILE A 88 -2.77 -12.55 13.48
N ALA A 89 -1.55 -12.89 13.11
CA ALA A 89 -0.40 -12.55 13.95
C ALA A 89 -0.25 -11.05 14.13
N LEU A 90 -0.54 -10.28 13.08
CA LEU A 90 -0.36 -8.86 13.23
C LEU A 90 -1.36 -8.26 14.20
N ILE A 91 -2.61 -8.69 14.12
CA ILE A 91 -3.59 -8.06 15.01
C ILE A 91 -3.32 -8.54 16.43
N MET A 92 -2.87 -9.79 16.59
CA MET A 92 -2.44 -10.27 17.91
C MET A 92 -1.29 -9.41 18.43
N ALA A 93 -0.39 -9.05 17.53
CA ALA A 93 0.77 -8.25 17.95
C ALA A 93 0.34 -6.85 18.33
N TYR A 94 -0.51 -6.21 17.50
CA TYR A 94 -0.97 -4.86 17.83
C TYR A 94 -1.87 -4.92 19.05
N GLY A 95 -2.50 -6.07 19.28
CA GLY A 95 -3.41 -6.21 20.39
C GLY A 95 -2.73 -6.57 21.70
N ASN A 96 -1.42 -6.79 21.66
CA ASN A 96 -0.68 -7.35 22.78
C ASN A 96 -1.33 -8.62 23.31
N CYS A 97 -1.76 -9.49 22.39
CA CYS A 97 -2.31 -10.78 22.73
C CYS A 97 -1.21 -11.81 22.89
N THR A 98 -1.46 -12.83 23.68
CA THR A 98 -0.46 -13.88 23.84
C THR A 98 -0.99 -15.19 23.30
N PHE A 99 -0.18 -15.86 22.50
CA PHE A 99 -0.56 -17.14 21.93
C PHE A 99 -1.03 -18.14 22.99
N GLY A 100 -2.18 -18.76 22.73
CA GLY A 100 -2.75 -19.75 23.63
C GLY A 100 -3.49 -19.15 24.80
N ALA A 101 -3.45 -17.84 24.95
CA ALA A 101 -4.19 -17.19 26.03
C ALA A 101 -5.53 -16.62 25.56
N PRO A 102 -6.58 -16.80 26.38
CA PRO A 102 -7.89 -16.24 26.06
C PRO A 102 -7.87 -14.72 26.17
N ASP A 103 -8.75 -14.03 25.47
CA ASP A 103 -8.71 -12.57 25.47
C ASP A 103 -10.09 -11.99 25.17
N ASP A 104 -10.13 -10.68 24.95
CA ASP A 104 -11.38 -9.95 24.83
C ASP A 104 -11.58 -9.53 23.37
N ALA A 105 -12.57 -10.14 22.71
CA ALA A 105 -12.89 -9.81 21.33
C ALA A 105 -13.26 -8.32 21.08
N SER A 106 -14.00 -7.69 21.98
CA SER A 106 -14.40 -6.31 21.70
C SER A 106 -13.22 -5.37 21.84
N ARG A 107 -12.39 -5.59 22.86
CA ARG A 107 -11.22 -4.75 23.05
C ARG A 107 -10.32 -4.86 21.81
N LEU A 108 -10.14 -6.08 21.35
CA LEU A 108 -9.31 -6.28 20.17
C LEU A 108 -9.91 -5.67 18.90
N LEU A 109 -11.21 -5.84 18.72
CA LEU A 109 -11.90 -5.38 17.53
C LEU A 109 -11.77 -3.86 17.40
N HIS A 110 -11.94 -3.14 18.50
CA HIS A 110 -11.88 -1.70 18.45
C HIS A 110 -10.44 -1.16 18.45
N THR A 111 -9.51 -1.90 19.04
CA THR A 111 -8.08 -1.61 18.87
C THR A 111 -7.64 -1.70 17.41
N VAL A 112 -8.02 -2.79 16.76
CA VAL A 112 -7.79 -2.95 15.33
C VAL A 112 -8.43 -1.82 14.51
N LEU A 113 -9.70 -1.54 14.74
CA LEU A 113 -10.39 -0.50 13.95
C LEU A 113 -9.81 0.90 14.15
N ALA A 114 -9.21 1.14 15.30
CA ALA A 114 -8.53 2.41 15.55
C ALA A 114 -7.38 2.66 14.55
N LYS A 115 -6.89 1.58 13.93
CA LYS A 115 -5.83 1.68 12.92
C LYS A 115 -6.42 1.74 11.51
N ALA A 116 -7.74 1.76 11.41
CA ALA A 116 -8.39 1.67 10.10
C ALA A 116 -9.05 3.00 9.71
N GLU A 117 -9.43 3.12 8.44
CA GLU A 117 -10.17 4.28 7.99
C GLU A 117 -11.27 3.80 7.07
N LEU A 118 -12.21 4.69 6.77
CA LEU A 118 -13.35 4.33 5.94
C LEU A 118 -13.17 4.86 4.52
N CYS A 119 -13.30 4.01 3.51
CA CYS A 119 -13.20 4.47 2.12
C CYS A 119 -14.50 5.01 1.50
N CYS A 120 -15.39 5.53 2.34
CA CYS A 120 -16.62 6.17 1.88
C CYS A 120 -17.02 7.19 2.92
N SER A 121 -18.22 7.74 2.79
CA SER A 121 -18.64 8.83 3.67
C SER A 121 -19.31 8.29 4.91
N ALA A 122 -19.19 9.02 6.00
CA ALA A 122 -19.97 8.73 7.19
C ALA A 122 -19.89 9.93 8.10
N ARG A 123 -20.95 10.16 8.86
CA ARG A 123 -21.03 11.39 9.63
C ARG A 123 -21.98 11.20 10.82
N MET A 124 -21.55 11.69 11.97
CA MET A 124 -22.36 11.88 13.16
C MET A 124 -22.43 13.36 13.43
N VAL A 125 -23.59 13.85 13.86
CA VAL A 125 -23.60 15.16 14.47
C VAL A 125 -24.20 15.03 15.85
N TRP A 126 -23.46 15.53 16.83
CA TRP A 126 -23.86 15.52 18.23
C TRP A 126 -24.22 16.91 18.65
N ARG A 127 -25.30 17.06 19.41
CA ARG A 127 -25.57 18.34 20.01
C ARG A 127 -25.18 18.25 21.47
N GLU A 128 -24.35 19.17 21.92
CA GLU A 128 -23.96 19.25 23.33
C GLU A 128 -24.50 20.53 23.92
N TRP A 129 -24.88 20.51 25.20
CA TRP A 129 -25.33 21.75 25.79
C TRP A 129 -25.20 21.76 27.30
N CYS A 130 -25.01 22.99 27.79
CA CYS A 130 -24.87 23.31 29.20
C CYS A 130 -25.78 24.50 29.51
N ASN A 131 -26.50 24.45 30.63
CA ASN A 131 -27.40 25.56 31.00
C ASN A 131 -26.61 26.85 31.13
N VAL A 132 -25.38 26.72 31.62
CA VAL A 132 -24.48 27.84 31.75
C VAL A 132 -23.74 28.11 30.46
N CYS A 133 -23.04 27.09 29.94
CA CYS A 133 -22.08 27.30 28.85
C CYS A 133 -22.70 27.43 27.44
N GLY A 134 -23.94 27.00 27.27
CA GLY A 134 -24.60 27.12 25.98
C GLY A 134 -24.54 25.88 25.10
N ILE A 135 -24.79 26.06 23.81
CA ILE A 135 -24.94 24.92 22.91
C ILE A 135 -23.86 24.90 21.82
N LYS A 136 -23.28 23.72 21.58
CA LYS A 136 -22.41 23.54 20.42
C LYS A 136 -22.66 22.22 19.71
N ASP A 137 -22.67 22.24 18.39
CA ASP A 137 -22.76 21.01 17.62
C ASP A 137 -21.35 20.47 17.39
N VAL A 138 -21.20 19.15 17.45
CA VAL A 138 -19.94 18.48 17.21
C VAL A 138 -20.04 17.50 16.05
N VAL A 139 -19.31 17.76 14.96
CA VAL A 139 -19.31 16.90 13.79
C VAL A 139 -18.17 15.89 13.82
N LEU A 140 -18.46 14.67 13.40
CA LEU A 140 -17.54 13.55 13.44
C LEU A 140 -17.66 12.79 12.10
N GLN A 141 -16.55 12.60 11.38
CA GLN A 141 -16.61 11.97 10.06
C GLN A 141 -15.87 10.63 9.99
N GLY A 142 -16.10 9.88 8.93
CA GLY A 142 -15.37 8.64 8.70
C GLY A 142 -15.66 7.49 9.65
N LEU A 143 -14.66 6.62 9.81
CA LEU A 143 -14.79 5.39 10.56
C LEU A 143 -15.31 5.62 11.96
N LYS A 144 -14.93 6.74 12.57
CA LYS A 144 -15.34 7.02 13.95
C LYS A 144 -16.85 7.26 14.11
N ALA A 145 -17.51 7.63 13.02
CA ALA A 145 -18.96 7.80 13.04
C ALA A 145 -19.66 6.44 12.98
N CYS A 146 -18.91 5.37 12.71
CA CYS A 146 -19.46 4.04 12.55
C CYS A 146 -19.31 3.10 13.74
N CYS A 147 -18.70 3.53 14.83
CA CYS A 147 -18.48 2.64 15.98
C CYS A 147 -18.77 3.35 17.28
N TYR A 148 -19.26 2.59 18.25
CA TYR A 148 -19.50 3.15 19.57
C TYR A 148 -19.36 2.06 20.61
N VAL A 149 -18.53 2.31 21.61
CA VAL A 149 -18.37 1.37 22.71
C VAL A 149 -19.07 1.95 23.92
N GLY A 150 -20.07 1.24 24.44
CA GLY A 150 -20.76 1.72 25.61
C GLY A 150 -22.28 1.53 25.54
N VAL A 151 -22.79 1.20 24.37
CA VAL A 151 -24.22 0.89 24.22
C VAL A 151 -24.39 -0.18 23.18
N GLN A 152 -25.53 -0.86 23.20
CA GLN A 152 -25.70 -1.99 22.29
C GLN A 152 -26.99 -1.90 21.48
N THR A 153 -27.76 -0.85 21.66
CA THR A 153 -28.91 -0.61 20.79
C THR A 153 -28.84 0.78 20.18
N VAL A 154 -29.44 0.93 19.02
CA VAL A 154 -29.57 2.22 18.38
C VAL A 154 -30.34 3.25 19.23
N GLU A 155 -31.35 2.83 19.98
CA GLU A 155 -32.09 3.79 20.79
C GLU A 155 -31.21 4.28 21.93
N ASP A 156 -30.42 3.40 22.54
CA ASP A 156 -29.48 3.89 23.55
C ASP A 156 -28.44 4.83 22.92
N LEU A 157 -28.01 4.54 21.69
CA LEU A 157 -27.10 5.45 20.98
C LEU A 157 -27.73 6.85 20.77
N ARG A 158 -29.04 6.90 20.54
CA ARG A 158 -29.70 8.16 20.20
C ARG A 158 -30.28 8.88 21.40
N ALA A 159 -30.10 8.31 22.59
CA ALA A 159 -30.63 8.90 23.80
C ALA A 159 -29.76 10.03 24.35
N ARG A 160 -30.39 10.94 25.10
CA ARG A 160 -29.67 12.01 25.77
C ARG A 160 -28.70 11.41 26.76
N MET A 161 -27.46 11.90 26.71
CA MET A 161 -26.42 11.42 27.61
C MET A 161 -25.99 12.53 28.52
N THR A 162 -25.89 12.23 29.82
CA THR A 162 -25.53 13.25 30.79
C THR A 162 -24.14 13.06 31.39
N TYR A 163 -23.36 14.14 31.41
CA TYR A 163 -22.06 14.12 32.04
C TYR A 163 -21.73 15.47 32.69
N VAL A 164 -20.49 15.63 33.13
CA VAL A 164 -20.17 16.87 33.81
C VAL A 164 -19.40 17.77 32.86
N CYS A 165 -19.81 19.02 32.82
CA CYS A 165 -19.22 20.00 31.93
C CYS A 165 -17.92 20.52 32.52
N GLN A 166 -17.11 21.15 31.68
CA GLN A 166 -15.89 21.85 32.10
C GLN A 166 -16.15 22.76 33.30
N CYS A 167 -17.30 23.42 33.28
CA CYS A 167 -17.61 24.47 34.23
C CYS A 167 -18.05 23.95 35.59
N GLY A 168 -18.21 22.63 35.71
CA GLY A 168 -18.68 22.02 36.94
C GLY A 168 -20.15 21.65 36.90
N GLY A 169 -20.92 22.31 36.03
CA GLY A 169 -22.33 22.01 35.89
C GLY A 169 -22.56 20.74 35.09
N GLU A 170 -23.82 20.30 34.97
CA GLU A 170 -24.08 19.08 34.22
C GLU A 170 -24.18 19.42 32.73
N ARG A 171 -23.67 18.53 31.90
CA ARG A 171 -23.69 18.76 30.46
C ARG A 171 -24.44 17.64 29.77
N HIS A 172 -25.01 17.93 28.61
CA HIS A 172 -25.73 16.92 27.85
C HIS A 172 -25.23 16.89 26.42
N ARG A 173 -25.25 15.70 25.82
CA ARG A 173 -24.96 15.55 24.41
C ARG A 173 -25.95 14.53 23.85
N GLN A 174 -26.22 14.64 22.56
CA GLN A 174 -27.20 13.77 21.95
C GLN A 174 -27.06 13.81 20.45
N LEU A 175 -27.13 12.63 19.86
CA LEU A 175 -26.99 12.46 18.43
C LEU A 175 -28.19 13.09 17.74
N VAL A 176 -27.94 13.94 16.75
CA VAL A 176 -29.02 14.60 16.05
C VAL A 176 -28.91 14.38 14.54
N GLU A 177 -27.84 13.72 14.11
CA GLU A 177 -27.74 13.34 12.71
C GLU A 177 -26.75 12.19 12.53
N HIS A 178 -27.07 11.24 11.66
CA HIS A 178 -26.26 10.04 11.53
C HIS A 178 -26.39 9.39 10.16
N THR A 179 -25.30 9.37 9.40
CA THR A 179 -25.28 8.69 8.10
C THR A 179 -24.04 7.80 8.01
N THR A 180 -24.24 6.49 7.87
CA THR A 180 -23.14 5.51 7.83
C THR A 180 -23.42 4.38 6.86
N PRO A 181 -22.39 3.64 6.47
CA PRO A 181 -22.62 2.42 5.69
C PRO A 181 -22.94 1.20 6.58
N TRP A 182 -22.62 1.30 7.87
CA TRP A 182 -22.91 0.27 8.84
C TRP A 182 -22.67 0.88 10.20
N LEU A 183 -22.97 0.12 11.25
CA LEU A 183 -22.88 0.65 12.60
C LEU A 183 -22.54 -0.46 13.57
N LEU A 184 -21.37 -0.35 14.20
CA LEU A 184 -20.93 -1.35 15.16
C LEU A 184 -21.09 -0.82 16.59
N LEU A 185 -21.94 -1.46 17.38
CA LEU A 185 -22.09 -1.10 18.78
C LEU A 185 -21.56 -2.20 19.69
N SER A 186 -20.80 -1.83 20.70
CA SER A 186 -20.18 -2.81 21.57
C SER A 186 -20.40 -2.44 23.03
N GLY A 187 -20.61 -3.45 23.85
CA GLY A 187 -20.72 -3.26 25.28
C GLY A 187 -20.34 -4.52 26.04
N THR A 188 -20.46 -4.45 27.36
CA THR A 188 -20.21 -5.61 28.20
C THR A 188 -21.27 -6.69 27.91
N PRO A 189 -20.92 -7.96 28.15
CA PRO A 189 -21.85 -9.08 27.91
C PRO A 189 -23.22 -8.83 28.51
N ASN A 190 -24.24 -8.96 27.69
CA ASN A 190 -25.54 -8.45 28.07
C ASN A 190 -26.66 -9.36 27.56
N GLU A 191 -27.44 -9.90 28.49
CA GLU A 191 -28.41 -10.92 28.15
C GLU A 191 -29.56 -10.38 27.31
N LYS A 192 -29.70 -10.93 26.11
CA LYS A 192 -30.80 -10.58 25.22
C LYS A 192 -31.45 -11.86 24.72
N LEU A 193 -32.73 -11.80 24.42
CA LEU A 193 -33.39 -12.92 23.77
C LEU A 193 -33.49 -12.54 22.30
N VAL A 194 -32.73 -13.22 21.47
CA VAL A 194 -32.71 -12.89 20.06
C VAL A 194 -33.62 -13.81 19.29
N THR A 195 -34.62 -13.24 18.62
CA THR A 195 -35.58 -14.04 17.85
C THR A 195 -35.63 -13.63 16.40
N THR A 196 -35.97 -14.59 15.53
CA THR A 196 -35.97 -14.37 14.09
C THR A 196 -37.34 -14.56 13.44
N SER A 197 -38.40 -14.63 14.24
CA SER A 197 -39.74 -14.65 13.68
C SER A 197 -39.89 -13.34 12.90
N THR A 198 -39.64 -12.24 13.58
CA THR A 198 -39.37 -10.96 12.92
C THR A 198 -37.86 -10.70 12.88
N ALA A 199 -37.36 -10.43 11.67
CA ALA A 199 -35.99 -9.99 11.49
C ALA A 199 -35.62 -8.87 12.47
N PRO A 200 -34.59 -9.14 13.30
CA PRO A 200 -33.97 -8.13 14.13
C PRO A 200 -33.44 -6.98 13.27
N ASP A 201 -33.22 -5.84 13.91
CA ASP A 201 -32.70 -4.72 13.17
C ASP A 201 -31.20 -4.86 12.89
N PHE A 202 -30.48 -5.67 13.68
CA PHE A 202 -29.05 -5.87 13.44
C PHE A 202 -28.79 -7.09 12.55
N VAL A 203 -27.60 -7.15 11.94
CA VAL A 203 -27.32 -8.22 10.97
C VAL A 203 -26.31 -9.25 11.48
N ALA A 204 -25.64 -8.94 12.57
CA ALA A 204 -24.70 -9.87 13.17
C ALA A 204 -24.37 -9.40 14.57
N PHE A 205 -23.82 -10.30 15.36
CA PHE A 205 -23.47 -10.01 16.74
C PHE A 205 -22.54 -11.08 17.28
N ASN A 206 -21.89 -10.77 18.38
CA ASN A 206 -20.99 -11.72 19.01
C ASN A 206 -21.55 -11.95 20.38
N VAL A 207 -21.27 -13.14 20.89
CA VAL A 207 -21.81 -13.64 22.14
C VAL A 207 -20.69 -14.16 23.04
N PHE A 208 -20.73 -13.76 24.31
CA PHE A 208 -19.85 -14.33 25.30
C PHE A 208 -20.64 -15.38 26.10
N GLN A 209 -20.12 -16.60 26.14
CA GLN A 209 -20.74 -17.68 26.91
C GLN A 209 -19.93 -17.99 28.16
N GLY A 210 -20.61 -18.00 29.30
CA GLY A 210 -19.96 -18.34 30.56
C GLY A 210 -19.94 -17.16 31.51
N ILE A 211 -19.40 -17.37 32.70
CA ILE A 211 -19.31 -16.30 33.68
C ILE A 211 -18.15 -15.37 33.35
N GLU A 212 -18.40 -14.07 33.45
CA GLU A 212 -17.46 -13.09 32.96
C GLU A 212 -16.25 -12.95 33.86
N THR A 213 -16.33 -13.54 35.04
CA THR A 213 -15.22 -13.50 35.98
C THR A 213 -14.33 -14.72 35.77
N ALA A 214 -14.74 -15.62 34.88
CA ALA A 214 -13.91 -16.77 34.54
C ALA A 214 -13.61 -16.76 33.05
N VAL A 215 -12.92 -17.78 32.57
CA VAL A 215 -12.62 -17.87 31.15
C VAL A 215 -13.83 -18.38 30.41
N GLY A 216 -14.35 -17.58 29.48
CA GLY A 216 -15.52 -17.97 28.74
C GLY A 216 -15.22 -18.46 27.35
N HIS A 217 -16.18 -18.25 26.45
CA HIS A 217 -16.07 -18.73 25.08
C HIS A 217 -16.87 -17.79 24.16
N TYR A 218 -16.35 -17.53 22.98
CA TYR A 218 -17.00 -16.59 22.05
C TYR A 218 -17.63 -17.28 20.87
N VAL A 219 -18.79 -16.78 20.44
CA VAL A 219 -19.44 -17.29 19.23
C VAL A 219 -19.81 -16.10 18.36
N HIS A 220 -19.64 -16.27 17.06
CA HIS A 220 -20.04 -15.23 16.13
C HIS A 220 -21.35 -15.60 15.44
N ALA A 221 -22.33 -14.70 15.51
CA ALA A 221 -23.67 -14.96 14.98
C ALA A 221 -24.03 -14.03 13.85
N ARG A 222 -24.64 -14.60 12.81
CA ARG A 222 -25.14 -13.81 11.69
C ARG A 222 -26.63 -14.09 11.47
N LEU A 223 -27.40 -13.05 11.16
CA LEU A 223 -28.83 -13.23 10.81
C LEU A 223 -28.93 -13.49 9.32
N LYS A 224 -29.36 -14.67 8.93
CA LYS A 224 -29.40 -15.01 7.51
C LYS A 224 -30.44 -16.08 7.20
N GLY A 225 -31.16 -15.87 6.09
CA GLY A 225 -32.19 -16.80 5.65
C GLY A 225 -33.28 -17.04 6.67
N GLY A 226 -33.67 -15.98 7.39
CA GLY A 226 -34.67 -16.09 8.44
C GLY A 226 -34.19 -16.80 9.70
N LEU A 227 -32.90 -17.07 9.78
CA LEU A 227 -32.35 -17.82 10.90
C LEU A 227 -31.20 -17.11 11.59
N ILE A 228 -30.82 -17.63 12.76
CA ILE A 228 -29.55 -17.28 13.35
C ILE A 228 -28.50 -18.32 12.99
N LEU A 229 -27.39 -17.88 12.41
CA LEU A 229 -26.25 -18.75 12.18
C LEU A 229 -25.22 -18.56 13.27
N LYS A 230 -24.88 -19.64 13.94
CA LYS A 230 -23.90 -19.59 15.02
C LYS A 230 -22.58 -20.20 14.54
N PHE A 231 -21.57 -19.35 14.40
CA PHE A 231 -20.24 -19.79 13.98
C PHE A 231 -19.41 -19.94 15.21
N ASP A 232 -19.22 -21.17 15.60
CA ASP A 232 -18.45 -21.49 16.77
C ASP A 232 -17.11 -22.02 16.33
N SER A 233 -16.18 -21.10 16.08
CA SER A 233 -14.80 -21.45 15.80
C SER A 233 -14.66 -22.59 14.81
N GLY A 234 -15.13 -22.40 13.58
CA GLY A 234 -14.90 -23.37 12.53
C GLY A 234 -16.10 -24.24 12.24
N THR A 235 -17.06 -24.25 13.16
CA THR A 235 -18.32 -24.95 12.92
C THR A 235 -19.51 -23.97 12.94
N VAL A 236 -20.58 -24.37 12.29
CA VAL A 236 -21.77 -23.55 12.22
C VAL A 236 -23.00 -24.40 12.42
N SER A 237 -23.91 -23.92 13.26
CA SER A 237 -25.24 -24.50 13.42
C SER A 237 -26.30 -23.39 13.27
N LYS A 238 -27.57 -23.77 13.35
CA LYS A 238 -28.68 -22.87 13.07
C LYS A 238 -29.80 -22.99 14.11
N THR A 239 -30.35 -21.86 14.50
CA THR A 239 -31.40 -21.78 15.52
C THR A 239 -32.33 -20.61 15.16
N SER A 240 -33.48 -20.54 15.80
CA SER A 240 -34.48 -19.50 15.50
C SER A 240 -34.43 -18.44 16.56
N ASP A 241 -34.36 -18.90 17.79
CA ASP A 241 -34.41 -18.06 18.98
C ASP A 241 -33.26 -18.45 19.88
N TRP A 242 -32.71 -17.45 20.56
CA TRP A 242 -31.53 -17.70 21.35
C TRP A 242 -31.43 -16.67 22.47
N LYS A 243 -31.45 -17.16 23.69
CA LYS A 243 -31.19 -16.32 24.85
C LYS A 243 -29.68 -16.37 25.17
N CYS A 244 -29.01 -15.22 25.06
CA CYS A 244 -27.55 -15.20 25.08
C CYS A 244 -26.98 -13.86 25.50
N LYS A 245 -25.72 -13.85 25.91
CA LYS A 245 -25.09 -12.60 26.32
C LYS A 245 -24.36 -11.98 25.14
N VAL A 246 -24.95 -10.90 24.64
CA VAL A 246 -24.44 -10.25 23.45
C VAL A 246 -23.31 -9.27 23.80
N THR A 247 -22.29 -9.18 22.96
CA THR A 247 -21.22 -8.20 23.19
C THR A 247 -21.18 -7.14 22.09
N ASP A 248 -20.72 -7.52 20.91
CA ASP A 248 -20.73 -6.63 19.75
C ASP A 248 -21.98 -6.87 18.94
N VAL A 249 -22.62 -5.78 18.52
CA VAL A 249 -23.78 -5.87 17.62
C VAL A 249 -23.50 -5.07 16.37
N LEU A 250 -23.61 -5.70 15.20
CA LEU A 250 -23.44 -4.99 13.95
C LEU A 250 -24.79 -4.65 13.25
N PHE A 251 -25.05 -3.36 13.03
CA PHE A 251 -26.25 -2.86 12.36
C PHE A 251 -26.00 -2.43 10.91
N PRO A 252 -27.06 -2.34 10.09
CA PRO A 252 -26.85 -1.85 8.72
C PRO A 252 -26.63 -0.32 8.65
N GLY A 253 -26.43 0.19 7.43
CA GLY A 253 -26.29 1.62 7.21
C GLY A 253 -27.31 2.48 7.95
N GLN A 254 -26.83 3.55 8.59
CA GLN A 254 -27.72 4.47 9.29
C GLN A 254 -28.03 5.66 8.42
N LYS A 255 -29.22 6.23 8.62
CA LYS A 255 -29.70 7.36 7.84
C LYS A 255 -30.76 8.06 8.67
N TYR A 256 -30.30 8.87 9.59
CA TYR A 256 -31.11 9.40 10.67
C TYR A 256 -30.92 10.91 10.86
N SER A 257 -32.01 11.64 11.14
CA SER A 257 -31.91 12.99 11.69
C SER A 257 -33.00 13.31 12.70
N SER A 258 -32.65 14.24 13.57
CA SER A 258 -33.53 14.75 14.61
C SER A 258 -33.78 16.24 14.37
N ASP A 259 -35.05 16.61 14.21
CA ASP A 259 -35.43 17.99 14.13
C ASP A 259 -35.14 18.71 15.46
N ASN B 1 -14.86 -14.61 -7.78
CA ASN B 1 -15.36 -14.33 -6.45
C ASN B 1 -14.50 -13.30 -5.70
N ASP B 2 -14.72 -13.19 -4.39
CA ASP B 2 -14.11 -12.16 -3.57
C ASP B 2 -12.61 -12.43 -3.37
N GLU B 3 -12.27 -13.67 -3.08
CA GLU B 3 -10.89 -14.10 -2.96
C GLU B 3 -10.06 -13.85 -4.25
N THR B 4 -10.67 -14.10 -5.40
CA THR B 4 -10.00 -13.90 -6.67
C THR B 4 -9.79 -12.42 -6.98
N LYS B 5 -10.74 -11.59 -6.55
CA LYS B 5 -10.59 -10.17 -6.77
C LYS B 5 -9.50 -9.62 -5.86
N ALA B 6 -9.35 -10.21 -4.68
CA ALA B 6 -8.36 -9.74 -3.73
C ALA B 6 -6.93 -10.10 -4.20
N LEU B 7 -6.77 -11.31 -4.72
CA LEU B 7 -5.49 -11.75 -5.29
C LEU B 7 -5.11 -10.89 -6.48
N LYS B 8 -6.12 -10.48 -7.23
CA LYS B 8 -5.91 -9.68 -8.43
C LYS B 8 -5.44 -8.29 -8.03
N GLU B 9 -6.02 -7.75 -6.97
CA GLU B 9 -5.60 -6.47 -6.43
C GLU B 9 -4.16 -6.54 -5.91
N LEU B 10 -3.87 -7.64 -5.23
CA LEU B 10 -2.61 -7.77 -4.50
C LEU B 10 -1.42 -8.05 -5.45
N TYR B 11 -1.62 -8.86 -6.48
CA TYR B 11 -0.50 -9.25 -7.33
C TYR B 11 -0.64 -8.75 -8.73
N GLY B 12 -1.76 -8.09 -9.04
CA GLY B 12 -2.01 -7.63 -10.38
C GLY B 12 -2.36 -8.83 -11.24
N PRO B 13 -2.50 -8.63 -12.55
CA PRO B 13 -2.82 -9.72 -13.46
C PRO B 13 -1.63 -10.65 -13.60
N VAL B 14 -1.80 -11.91 -13.24
CA VAL B 14 -0.73 -12.89 -13.32
C VAL B 14 -1.26 -14.18 -13.87
N ASP B 15 -0.37 -15.03 -14.36
CA ASP B 15 -0.75 -16.33 -14.88
C ASP B 15 -1.09 -17.30 -13.74
N PRO B 16 -1.80 -18.38 -14.06
CA PRO B 16 -2.27 -19.42 -13.14
C PRO B 16 -1.17 -20.12 -12.33
N THR B 17 0.06 -20.16 -12.83
CA THR B 17 1.12 -20.80 -12.05
C THR B 17 1.78 -19.84 -11.05
N PHE B 18 1.54 -18.54 -11.22
CA PHE B 18 2.32 -17.54 -10.50
C PHE B 18 2.36 -17.77 -8.98
N LEU B 19 1.20 -18.00 -8.39
CA LEU B 19 1.12 -18.04 -6.93
C LEU B 19 1.84 -19.25 -6.39
N HIS B 20 1.78 -20.35 -7.12
CA HIS B 20 2.49 -21.56 -6.71
CA HIS B 20 2.49 -21.55 -6.71
C HIS B 20 3.99 -21.27 -6.80
N ARG B 21 4.42 -20.73 -7.93
CA ARG B 21 5.83 -20.39 -8.12
C ARG B 21 6.31 -19.41 -7.03
N PHE B 22 5.54 -18.37 -6.74
CA PHE B 22 5.94 -17.44 -5.68
C PHE B 22 6.17 -18.14 -4.35
N TYR B 23 5.20 -18.92 -3.91
CA TYR B 23 5.28 -19.58 -2.62
C TYR B 23 6.40 -20.63 -2.51
N SER B 24 6.74 -21.31 -3.60
CA SER B 24 7.88 -22.23 -3.46
C SER B 24 9.19 -21.45 -3.50
N LEU B 25 9.24 -20.32 -4.23
CA LEU B 25 10.50 -19.55 -4.27
C LEU B 25 10.73 -19.02 -2.87
N LYS B 26 9.65 -18.58 -2.24
CA LYS B 26 9.68 -18.06 -0.87
C LYS B 26 10.35 -19.05 0.05
N ALA B 27 9.93 -20.31 -0.03
CA ALA B 27 10.46 -21.36 0.82
C ALA B 27 11.89 -21.66 0.43
N ALA B 28 12.14 -21.74 -0.88
CA ALA B 28 13.45 -22.12 -1.38
C ALA B 28 14.56 -21.10 -1.07
N VAL B 29 14.27 -19.80 -1.14
CA VAL B 29 15.32 -18.79 -0.90
C VAL B 29 15.38 -18.35 0.55
N HIS B 30 14.69 -19.07 1.43
CA HIS B 30 14.63 -18.72 2.84
C HIS B 30 15.99 -18.73 3.54
N GLY B 31 16.91 -19.56 3.05
CA GLY B 31 18.23 -19.64 3.64
C GLY B 31 19.17 -18.50 3.23
N TRP B 32 18.88 -17.88 2.08
CA TRP B 32 19.73 -16.83 1.51
C TRP B 32 19.94 -15.70 2.49
N LYS B 33 21.12 -15.10 2.47
CA LYS B 33 21.43 -14.03 3.41
C LYS B 33 21.88 -12.77 2.70
N MET B 34 21.50 -11.63 3.26
CA MET B 34 22.00 -10.33 2.85
C MET B 34 23.10 -9.93 3.83
N VAL B 35 24.30 -9.67 3.33
CA VAL B 35 25.44 -9.41 4.19
C VAL B 35 25.91 -7.96 4.10
N VAL B 36 26.22 -7.36 5.25
CA VAL B 36 26.74 -6.00 5.22
C VAL B 36 28.19 -5.97 4.76
N CYS B 37 28.42 -5.25 3.67
CA CYS B 37 29.75 -5.01 3.12
C CYS B 37 29.94 -3.52 2.96
N ASP B 38 31.00 -2.97 3.57
CA ASP B 38 31.25 -1.54 3.50
C ASP B 38 29.97 -0.75 3.77
N LYS B 39 29.20 -1.22 4.75
CA LYS B 39 27.99 -0.54 5.22
C LYS B 39 26.80 -0.64 4.25
N VAL B 40 26.89 -1.50 3.24
CA VAL B 40 25.73 -1.76 2.40
C VAL B 40 25.48 -3.25 2.28
N ARG B 41 24.22 -3.61 2.01
CA ARG B 41 23.83 -5.00 1.92
C ARG B 41 24.06 -5.57 0.54
N SER B 42 24.68 -6.76 0.50
CA SER B 42 24.89 -7.49 -0.74
C SER B 42 24.38 -8.91 -0.54
N LEU B 43 23.88 -9.51 -1.62
CA LEU B 43 23.34 -10.87 -1.51
C LEU B 43 24.46 -11.93 -1.55
N LYS B 44 24.60 -12.69 -0.46
CA LYS B 44 25.62 -13.75 -0.37
C LYS B 44 25.43 -14.87 -1.39
N LEU B 45 26.52 -15.28 -2.03
CA LEU B 45 26.45 -16.22 -3.12
C LEU B 45 25.82 -17.55 -2.69
N SER B 46 24.93 -18.06 -3.52
CA SER B 46 24.23 -19.31 -3.25
C SER B 46 23.39 -19.63 -4.45
N ASP B 47 23.42 -20.89 -4.86
CA ASP B 47 22.49 -21.39 -5.86
C ASP B 47 22.44 -20.50 -7.09
N ASN B 48 23.60 -20.01 -7.49
CA ASN B 48 23.65 -19.26 -8.73
C ASN B 48 22.88 -17.93 -8.67
N ASN B 49 22.80 -17.30 -7.49
CA ASN B 49 22.01 -16.08 -7.36
C ASN B 49 22.78 -14.77 -7.63
N CYS B 50 23.94 -14.84 -8.27
CA CYS B 50 24.74 -13.63 -8.43
C CYS B 50 23.97 -12.56 -9.25
N TYR B 51 23.25 -12.99 -10.28
CA TYR B 51 22.44 -12.07 -11.07
C TYR B 51 21.42 -11.33 -10.20
N LEU B 52 21.03 -11.92 -9.08
CA LEU B 52 20.10 -11.26 -8.17
C LEU B 52 20.85 -10.26 -7.30
N ASN B 53 22.10 -10.56 -6.97
CA ASN B 53 22.92 -9.58 -6.27
C ASN B 53 22.99 -8.30 -7.11
N ALA B 54 23.32 -8.45 -8.39
CA ALA B 54 23.40 -7.33 -9.30
C ALA B 54 22.08 -6.56 -9.36
N VAL B 55 20.97 -7.27 -9.56
CA VAL B 55 19.67 -6.60 -9.66
C VAL B 55 19.33 -5.86 -8.36
N ILE B 56 19.50 -6.51 -7.24
CA ILE B 56 19.03 -5.93 -5.99
C ILE B 56 19.91 -4.76 -5.54
N MET B 57 21.22 -4.91 -5.66
CA MET B 57 22.11 -3.81 -5.31
C MET B 57 21.93 -2.61 -6.23
N THR B 58 21.57 -2.83 -7.50
CA THR B 58 21.27 -1.73 -8.39
C THR B 58 19.94 -1.04 -7.98
N LEU B 59 18.89 -1.82 -7.72
CA LEU B 59 17.60 -1.24 -7.30
C LEU B 59 17.80 -0.34 -6.06
N ASP B 60 18.66 -0.79 -5.16
CA ASP B 60 18.88 -0.06 -3.91
C ASP B 60 19.52 1.31 -4.16
N LEU B 61 20.01 1.56 -5.37
CA LEU B 61 20.59 2.87 -5.71
C LEU B 61 19.58 3.78 -6.39
N LEU B 62 18.40 3.28 -6.70
CA LEU B 62 17.43 4.05 -7.47
C LEU B 62 16.47 4.84 -6.57
N LYS B 63 16.81 6.09 -6.27
CA LYS B 63 15.97 6.93 -5.43
C LYS B 63 14.57 7.15 -6.00
N ASP B 64 13.59 7.27 -5.11
CA ASP B 64 12.20 7.62 -5.48
C ASP B 64 11.45 6.59 -6.32
N ILE B 65 11.88 5.34 -6.34
CA ILE B 65 11.03 4.38 -7.04
C ILE B 65 10.03 3.78 -6.07
N LYS B 66 8.95 3.27 -6.65
CA LYS B 66 7.86 2.71 -5.90
C LYS B 66 7.24 1.70 -6.82
N PHE B 67 6.78 0.58 -6.29
CA PHE B 67 6.13 -0.41 -7.16
C PHE B 67 4.61 -0.22 -7.18
N VAL B 68 3.98 -0.47 -8.33
CA VAL B 68 2.57 -0.15 -8.51
C VAL B 68 1.72 -1.38 -8.18
N ILE B 69 2.36 -2.53 -8.13
CA ILE B 69 1.76 -3.76 -7.61
C ILE B 69 1.93 -3.78 -6.08
N PRO B 70 0.82 -3.82 -5.34
CA PRO B 70 0.89 -3.66 -3.88
C PRO B 70 1.80 -4.68 -3.18
N ALA B 71 1.73 -5.94 -3.58
CA ALA B 71 2.49 -6.95 -2.87
C ALA B 71 3.98 -6.72 -3.09
N LEU B 72 4.29 -6.17 -4.24
CA LEU B 72 5.65 -5.97 -4.65
C LEU B 72 6.23 -4.80 -3.86
N GLN B 73 5.42 -3.78 -3.67
CA GLN B 73 5.82 -2.58 -2.92
C GLN B 73 5.99 -2.94 -1.47
N HIS B 74 5.09 -3.77 -0.95
CA HIS B 74 5.20 -4.22 0.44
C HIS B 74 6.47 -5.06 0.66
N ALA B 75 6.74 -5.96 -0.27
CA ALA B 75 7.93 -6.79 -0.17
C ALA B 75 9.20 -5.91 -0.22
N PHE B 76 9.13 -4.92 -1.09
CA PHE B 76 10.19 -3.95 -1.27
C PHE B 76 10.43 -3.19 0.04
N MET B 77 9.36 -2.76 0.69
N MET B 77 9.34 -2.76 0.67
CA MET B 77 9.50 -2.05 1.96
CA MET B 77 9.39 -2.08 1.95
C MET B 77 10.07 -2.98 3.03
C MET B 77 10.05 -2.98 2.99
N LYS B 78 9.70 -4.26 2.97
CA LYS B 78 10.22 -5.21 3.94
C LYS B 78 11.72 -5.40 3.76
N HIS B 79 12.12 -5.45 2.49
CA HIS B 79 13.51 -5.55 2.09
C HIS B 79 14.33 -4.38 2.62
N LYS B 80 13.84 -3.16 2.41
CA LYS B 80 14.49 -1.96 2.94
C LYS B 80 14.53 -1.97 4.46
N GLY B 81 13.64 -2.74 5.07
CA GLY B 81 13.55 -2.82 6.51
C GLY B 81 14.36 -3.99 7.01
N GLY B 82 15.07 -4.66 6.10
CA GLY B 82 15.97 -5.72 6.49
C GLY B 82 15.46 -7.15 6.39
N ASP B 83 14.31 -7.37 5.76
CA ASP B 83 13.80 -8.72 5.53
C ASP B 83 13.47 -8.94 4.04
N SER B 84 14.45 -9.47 3.31
CA SER B 84 14.44 -9.41 1.83
C SER B 84 13.87 -10.63 1.12
N THR B 85 13.57 -11.70 1.86
CA THR B 85 13.08 -12.95 1.28
C THR B 85 11.91 -12.79 0.32
N ASP B 86 10.87 -12.13 0.79
CA ASP B 86 9.67 -11.95 -0.02
C ASP B 86 9.98 -11.22 -1.33
N PHE B 87 10.74 -10.13 -1.23
CA PHE B 87 11.05 -9.34 -2.41
C PHE B 87 11.85 -10.19 -3.40
N ILE B 88 12.82 -10.95 -2.89
CA ILE B 88 13.64 -11.75 -3.76
C ILE B 88 12.81 -12.81 -4.50
N ALA B 89 12.02 -13.56 -3.75
CA ALA B 89 11.13 -14.56 -4.35
C ALA B 89 10.13 -13.91 -5.30
N LEU B 90 9.65 -12.73 -4.94
CA LEU B 90 8.65 -12.12 -5.78
C LEU B 90 9.24 -11.65 -7.10
N ILE B 91 10.45 -11.10 -7.09
CA ILE B 91 10.99 -10.65 -8.38
C ILE B 91 11.37 -11.87 -9.21
N MET B 92 11.80 -12.94 -8.53
CA MET B 92 12.05 -14.22 -9.23
C MET B 92 10.77 -14.73 -9.86
N ALA B 93 9.67 -14.62 -9.12
CA ALA B 93 8.37 -15.05 -9.66
C ALA B 93 7.98 -14.21 -10.87
N TYR B 94 8.06 -12.89 -10.75
CA TYR B 94 7.69 -12.02 -11.87
C TYR B 94 8.66 -12.15 -13.02
N GLY B 95 9.91 -12.49 -12.72
CA GLY B 95 10.92 -12.62 -13.77
C GLY B 95 10.90 -13.98 -14.46
N ASN B 96 10.01 -14.85 -14.01
CA ASN B 96 10.01 -16.26 -14.40
C ASN B 96 11.40 -16.87 -14.25
N CYS B 97 12.01 -16.65 -13.10
CA CYS B 97 13.30 -17.24 -12.79
C CYS B 97 13.11 -18.57 -12.09
N THR B 98 14.10 -19.45 -12.22
CA THR B 98 14.05 -20.76 -11.60
C THR B 98 15.14 -20.86 -10.54
N PHE B 99 14.76 -21.33 -9.35
CA PHE B 99 15.71 -21.45 -8.26
C PHE B 99 16.91 -22.31 -8.65
N GLY B 100 18.11 -21.80 -8.37
CA GLY B 100 19.34 -22.49 -8.67
C GLY B 100 19.85 -22.34 -10.09
N ALA B 101 19.07 -21.72 -10.96
CA ALA B 101 19.50 -21.50 -12.34
C ALA B 101 20.07 -20.09 -12.52
N PRO B 102 21.16 -19.98 -13.29
CA PRO B 102 21.72 -18.66 -13.59
C PRO B 102 20.76 -17.91 -14.50
N ASP B 103 20.82 -16.57 -14.53
CA ASP B 103 19.89 -15.81 -15.38
C ASP B 103 20.50 -14.48 -15.82
N ASP B 104 19.67 -13.61 -16.40
CA ASP B 104 20.13 -12.36 -16.98
C ASP B 104 19.73 -11.20 -16.07
N ALA B 105 20.72 -10.57 -15.46
CA ALA B 105 20.49 -9.44 -14.55
C ALA B 105 19.73 -8.27 -15.18
N SER B 106 20.06 -7.94 -16.42
CA SER B 106 19.48 -6.76 -17.07
C SER B 106 18.04 -7.01 -17.49
N ARG B 107 17.78 -8.18 -18.04
CA ARG B 107 16.41 -8.55 -18.38
C ARG B 107 15.55 -8.45 -17.12
N LEU B 108 16.04 -9.00 -16.03
CA LEU B 108 15.28 -8.96 -14.80
C LEU B 108 15.11 -7.54 -14.25
N LEU B 109 16.20 -6.80 -14.22
CA LEU B 109 16.18 -5.44 -13.69
C LEU B 109 15.11 -4.60 -14.41
N HIS B 110 15.04 -4.74 -15.73
CA HIS B 110 14.11 -3.92 -16.47
C HIS B 110 12.71 -4.52 -16.46
N THR B 111 12.59 -5.83 -16.27
CA THR B 111 11.27 -6.44 -16.02
C THR B 111 10.65 -5.95 -14.71
N VAL B 112 11.46 -5.95 -13.66
CA VAL B 112 11.05 -5.39 -12.38
C VAL B 112 10.66 -3.91 -12.51
N LEU B 113 11.50 -3.10 -13.15
CA LEU B 113 11.23 -1.65 -13.22
C LEU B 113 10.00 -1.33 -14.05
N ALA B 114 9.62 -2.25 -14.93
CA ALA B 114 8.40 -2.10 -15.71
C ALA B 114 7.17 -2.09 -14.79
N LYS B 115 7.34 -2.56 -13.56
CA LYS B 115 6.25 -2.59 -12.60
C LYS B 115 6.36 -1.45 -11.60
N ALA B 116 7.29 -0.54 -11.86
CA ALA B 116 7.57 0.52 -10.90
C ALA B 116 7.17 1.88 -11.46
N GLU B 117 7.07 2.87 -10.58
CA GLU B 117 6.86 4.22 -11.04
C GLU B 117 7.80 5.14 -10.28
N LEU B 118 7.96 6.36 -10.76
CA LEU B 118 8.84 7.35 -10.15
C LEU B 118 8.06 8.35 -9.28
N CYS B 119 8.42 8.47 -8.00
CA CYS B 119 7.77 9.44 -7.11
C CYS B 119 8.32 10.88 -7.20
N CYS B 120 8.87 11.23 -8.36
CA CYS B 120 9.29 12.60 -8.60
C CYS B 120 9.20 12.82 -10.10
N SER B 121 9.66 13.99 -10.56
CA SER B 121 9.50 14.35 -11.97
C SER B 121 10.64 13.83 -12.81
N ALA B 122 10.32 13.48 -14.05
CA ALA B 122 11.33 13.14 -15.03
C ALA B 122 10.73 13.30 -16.40
N ARG B 123 11.54 13.74 -17.36
CA ARG B 123 11.05 13.98 -18.69
C ARG B 123 12.14 13.81 -19.76
N MET B 124 11.76 13.18 -20.85
CA MET B 124 12.53 13.11 -22.07
C MET B 124 11.74 13.80 -23.14
N VAL B 125 12.39 14.59 -23.99
CA VAL B 125 11.71 14.99 -25.20
C VAL B 125 12.49 14.50 -26.39
N TRP B 126 11.81 13.81 -27.29
CA TRP B 126 12.42 13.29 -28.49
C TRP B 126 11.93 14.03 -29.72
N ARG B 127 12.85 14.41 -30.59
CA ARG B 127 12.43 14.93 -31.88
C ARG B 127 12.50 13.78 -32.89
N GLU B 128 11.42 13.62 -33.64
CA GLU B 128 11.37 12.62 -34.70
C GLU B 128 11.14 13.32 -36.03
N TRP B 129 11.77 12.85 -37.09
CA TRP B 129 11.51 13.48 -38.37
C TRP B 129 11.76 12.56 -39.56
N CYS B 130 11.03 12.87 -40.62
CA CYS B 130 11.07 12.13 -41.87
C CYS B 130 11.01 13.16 -43.00
N ASN B 131 11.84 12.97 -44.02
CA ASN B 131 11.91 13.92 -45.14
C ASN B 131 10.54 14.07 -45.80
N VAL B 132 9.77 12.99 -45.78
CA VAL B 132 8.42 13.01 -46.33
C VAL B 132 7.39 13.41 -45.28
N CYS B 133 7.41 12.72 -44.14
CA CYS B 133 6.32 12.84 -43.16
C CYS B 133 6.39 14.07 -42.24
N GLY B 134 7.55 14.72 -42.15
CA GLY B 134 7.66 15.90 -41.30
C GLY B 134 8.25 15.65 -39.92
N ILE B 135 8.01 16.59 -39.01
CA ILE B 135 8.68 16.58 -37.72
C ILE B 135 7.69 16.39 -36.59
N LYS B 136 8.04 15.52 -35.65
CA LYS B 136 7.20 15.24 -34.48
C LYS B 136 8.00 15.34 -33.18
N ASP B 137 7.53 16.11 -32.22
CA ASP B 137 8.11 16.08 -30.88
C ASP B 137 7.35 15.04 -30.04
N VAL B 138 8.10 14.22 -29.31
CA VAL B 138 7.53 13.16 -28.48
C VAL B 138 7.98 13.28 -27.02
N VAL B 139 7.02 13.49 -26.13
CA VAL B 139 7.29 13.68 -24.71
C VAL B 139 7.08 12.39 -23.93
N LEU B 140 7.98 12.15 -22.98
CA LEU B 140 7.96 10.96 -22.16
C LEU B 140 8.23 11.36 -20.70
N GLN B 141 7.39 10.95 -19.77
CA GLN B 141 7.55 11.36 -18.37
C GLN B 141 7.70 10.20 -17.41
N GLY B 142 8.14 10.50 -16.19
CA GLY B 142 8.28 9.48 -15.16
C GLY B 142 9.41 8.48 -15.36
N LEU B 143 9.22 7.32 -14.74
CA LEU B 143 10.23 6.28 -14.67
C LEU B 143 10.81 5.92 -16.03
N LYS B 144 9.97 5.93 -17.05
CA LYS B 144 10.43 5.61 -18.41
C LYS B 144 11.45 6.61 -19.01
N ALA B 145 11.48 7.85 -18.52
CA ALA B 145 12.51 8.77 -18.97
C ALA B 145 13.86 8.48 -18.30
N CYS B 146 13.87 7.52 -17.38
CA CYS B 146 15.06 7.24 -16.59
C CYS B 146 15.82 5.97 -16.98
N CYS B 147 15.33 5.25 -17.98
CA CYS B 147 15.94 3.98 -18.36
C CYS B 147 16.01 3.83 -19.86
N TYR B 148 17.03 3.14 -20.33
CA TYR B 148 17.14 2.83 -21.75
C TYR B 148 17.93 1.54 -21.93
N VAL B 149 17.39 0.65 -22.75
CA VAL B 149 18.09 -0.59 -23.06
C VAL B 149 18.50 -0.53 -24.50
N GLY B 150 19.81 -0.59 -24.75
CA GLY B 150 20.31 -0.51 -26.11
C GLY B 150 21.54 0.38 -26.28
N VAL B 151 21.88 1.16 -25.27
CA VAL B 151 23.13 1.93 -25.28
C VAL B 151 23.66 1.97 -23.87
N GLN B 152 24.93 2.31 -23.72
CA GLN B 152 25.57 2.25 -22.41
C GLN B 152 26.34 3.52 -22.07
N THR B 153 26.30 4.51 -22.96
CA THR B 153 26.86 5.82 -22.69
C THR B 153 25.83 6.91 -22.99
N VAL B 154 25.89 7.99 -22.23
CA VAL B 154 25.04 9.15 -22.46
C VAL B 154 25.21 9.74 -23.86
N GLU B 155 26.43 9.69 -24.40
CA GLU B 155 26.68 10.20 -25.73
C GLU B 155 25.89 9.40 -26.76
N ASP B 156 25.89 8.08 -26.62
CA ASP B 156 25.12 7.26 -27.55
C ASP B 156 23.63 7.51 -27.35
N LEU B 157 23.22 7.79 -26.11
CA LEU B 157 21.82 8.07 -25.84
C LEU B 157 21.38 9.34 -26.56
N ARG B 158 22.30 10.29 -26.70
CA ARG B 158 21.95 11.58 -27.24
C ARG B 158 22.24 11.66 -28.73
N ALA B 159 22.74 10.58 -29.31
CA ALA B 159 23.03 10.59 -30.74
C ALA B 159 21.76 10.43 -31.61
N ARG B 160 21.86 10.84 -32.87
CA ARG B 160 20.79 10.67 -33.82
C ARG B 160 20.62 9.18 -34.09
N MET B 161 19.38 8.73 -34.09
CA MET B 161 19.07 7.31 -34.26
C MET B 161 18.23 7.12 -35.51
N THR B 162 18.62 6.18 -36.37
CA THR B 162 17.92 6.02 -37.63
C THR B 162 17.13 4.73 -37.74
N TYR B 163 15.91 4.85 -38.25
CA TYR B 163 15.09 3.67 -38.42
C TYR B 163 14.15 3.86 -39.60
N VAL B 164 13.14 3.01 -39.67
CA VAL B 164 12.24 3.00 -40.81
C VAL B 164 10.92 3.63 -40.44
N CYS B 165 10.52 4.65 -41.19
CA CYS B 165 9.26 5.33 -40.95
C CYS B 165 8.09 4.50 -41.48
N GLN B 166 6.89 4.83 -41.00
CA GLN B 166 5.66 4.23 -41.47
C GLN B 166 5.58 4.24 -42.98
N CYS B 167 5.82 5.42 -43.54
CA CYS B 167 5.67 5.67 -44.97
C CYS B 167 6.61 4.82 -45.84
N GLY B 168 7.50 4.08 -45.18
CA GLY B 168 8.51 3.31 -45.88
C GLY B 168 9.83 4.05 -45.98
N GLY B 169 9.78 5.35 -45.70
CA GLY B 169 10.97 6.18 -45.76
C GLY B 169 11.95 5.96 -44.62
N GLU B 170 13.00 6.77 -44.62
CA GLU B 170 14.00 6.74 -43.57
C GLU B 170 13.61 7.71 -42.46
N ARG B 171 13.58 7.24 -41.21
CA ARG B 171 13.13 8.09 -40.11
C ARG B 171 14.22 8.34 -39.07
N HIS B 172 14.17 9.49 -38.42
CA HIS B 172 15.17 9.86 -37.42
C HIS B 172 14.52 10.34 -36.13
N ARG B 173 15.15 9.99 -35.01
CA ARG B 173 14.77 10.54 -33.72
C ARG B 173 16.02 10.90 -32.95
N GLN B 174 15.87 11.80 -32.00
CA GLN B 174 17.00 12.27 -31.24
C GLN B 174 16.51 13.00 -30.01
N LEU B 175 17.15 12.71 -28.89
CA LEU B 175 16.83 13.36 -27.63
C LEU B 175 17.20 14.84 -27.72
N VAL B 176 16.27 15.72 -27.34
CA VAL B 176 16.56 17.13 -27.34
C VAL B 176 16.27 17.76 -25.97
N GLU B 177 15.78 16.96 -25.03
CA GLU B 177 15.60 17.46 -23.66
C GLU B 177 15.54 16.32 -22.67
N HIS B 178 16.14 16.51 -21.50
CA HIS B 178 16.24 15.40 -20.56
C HIS B 178 16.44 15.87 -19.12
N THR B 179 15.48 15.58 -18.26
CA THR B 179 15.55 15.89 -16.84
C THR B 179 15.15 14.66 -16.03
N THR B 180 16.06 14.15 -15.22
CA THR B 180 15.80 12.96 -14.40
C THR B 180 16.57 13.03 -13.09
N PRO B 181 16.19 12.19 -12.12
CA PRO B 181 16.92 12.09 -10.85
C PRO B 181 18.11 11.10 -10.93
N TRP B 182 18.06 10.22 -11.93
CA TRP B 182 19.14 9.29 -12.22
C TRP B 182 18.86 8.74 -13.61
N LEU B 183 19.81 7.97 -14.12
CA LEU B 183 19.70 7.44 -15.47
C LEU B 183 20.33 6.07 -15.56
N LEU B 184 19.51 5.07 -15.90
CA LEU B 184 19.98 3.71 -16.03
C LEU B 184 20.10 3.30 -17.50
N LEU B 185 21.31 2.94 -17.93
CA LEU B 185 21.55 2.44 -19.29
C LEU B 185 22.05 1.01 -19.22
N SER B 186 21.50 0.15 -20.08
CA SER B 186 21.86 -1.26 -20.09
C SER B 186 22.11 -1.69 -21.53
N GLY B 187 22.97 -2.67 -21.70
CA GLY B 187 23.20 -3.24 -23.01
C GLY B 187 23.91 -4.56 -22.84
N THR B 188 24.26 -5.16 -23.96
CA THR B 188 24.98 -6.43 -23.93
C THR B 188 26.40 -6.19 -23.38
N PRO B 189 26.98 -7.23 -22.79
CA PRO B 189 28.32 -7.14 -22.19
C PRO B 189 29.34 -6.49 -23.11
N ASN B 190 29.98 -5.43 -22.62
CA ASN B 190 30.78 -4.56 -23.45
C ASN B 190 32.07 -4.15 -22.76
N GLU B 191 33.19 -4.52 -23.36
CA GLU B 191 34.46 -4.32 -22.70
C GLU B 191 34.79 -2.83 -22.55
N LYS B 192 34.93 -2.38 -21.33
CA LYS B 192 35.37 -1.01 -21.06
C LYS B 192 36.56 -1.07 -20.13
N LEU B 193 37.37 -0.05 -20.17
CA LEU B 193 38.46 0.07 -19.24
C LEU B 193 37.94 1.15 -18.34
N VAL B 194 37.57 0.80 -17.14
CA VAL B 194 37.07 1.76 -16.18
C VAL B 194 38.22 2.23 -15.29
N THR B 195 38.49 3.53 -15.26
CA THR B 195 39.54 4.07 -14.40
C THR B 195 39.00 5.13 -13.46
N THR B 196 39.64 5.27 -12.31
CA THR B 196 39.17 6.20 -11.29
C THR B 196 40.14 7.33 -10.94
N SER B 197 41.18 7.54 -11.74
CA SER B 197 42.08 8.66 -11.46
C SER B 197 41.26 9.94 -11.59
N THR B 198 40.56 10.04 -12.72
CA THR B 198 39.47 10.99 -12.85
C THR B 198 38.14 10.23 -12.70
N ALA B 199 37.28 10.70 -11.80
CA ALA B 199 35.97 10.12 -11.57
C ALA B 199 35.18 9.90 -12.87
N PRO B 200 34.74 8.66 -13.10
CA PRO B 200 33.82 8.37 -14.22
C PRO B 200 32.54 9.18 -14.06
N ASP B 201 31.82 9.34 -15.15
CA ASP B 201 30.58 10.09 -15.06
C ASP B 201 29.46 9.26 -14.44
N PHE B 202 29.57 7.94 -14.48
CA PHE B 202 28.56 7.06 -13.88
C PHE B 202 28.90 6.73 -12.44
N VAL B 203 27.92 6.30 -11.64
CA VAL B 203 28.18 6.05 -10.22
C VAL B 203 28.16 4.57 -9.84
N ALA B 204 27.64 3.75 -10.73
CA ALA B 204 27.61 2.30 -10.51
C ALA B 204 27.41 1.62 -11.83
N PHE B 205 27.73 0.35 -11.86
CA PHE B 205 27.61 -0.48 -13.05
C PHE B 205 27.69 -1.95 -12.65
N ASN B 206 27.19 -2.80 -13.52
CA ASN B 206 27.29 -4.23 -13.27
C ASN B 206 28.14 -4.79 -14.36
N VAL B 207 28.83 -5.89 -14.02
CA VAL B 207 29.77 -6.55 -14.88
C VAL B 207 29.45 -8.03 -15.09
N PHE B 208 29.52 -8.46 -16.33
CA PHE B 208 29.44 -9.86 -16.67
C PHE B 208 30.84 -10.44 -16.95
N GLN B 209 31.22 -11.47 -16.21
CA GLN B 209 32.50 -12.16 -16.40
C GLN B 209 32.31 -13.52 -17.05
N GLY B 210 33.11 -13.82 -18.06
CA GLY B 210 33.05 -15.12 -18.69
C GLY B 210 32.57 -14.98 -20.11
N ILE B 211 32.49 -16.10 -20.84
CA ILE B 211 32.01 -16.03 -22.21
C ILE B 211 30.48 -16.00 -22.20
N GLU B 212 29.93 -15.16 -23.05
CA GLU B 212 28.51 -14.84 -23.03
C GLU B 212 27.71 -15.98 -23.62
N THR B 213 28.41 -16.95 -24.19
CA THR B 213 27.77 -18.13 -24.75
C THR B 213 27.79 -19.27 -23.75
N ALA B 214 28.33 -19.01 -22.56
CA ALA B 214 28.32 -20.01 -21.50
C ALA B 214 27.81 -19.40 -20.22
N VAL B 215 27.90 -20.13 -19.11
CA VAL B 215 27.47 -19.59 -17.83
C VAL B 215 28.57 -18.74 -17.24
N GLY B 216 28.25 -17.48 -16.96
CA GLY B 216 29.22 -16.57 -16.37
C GLY B 216 28.89 -16.16 -14.96
N HIS B 217 29.36 -14.98 -14.58
CA HIS B 217 29.23 -14.52 -13.21
C HIS B 217 29.07 -13.00 -13.19
N TYR B 218 28.20 -12.51 -12.31
CA TYR B 218 27.93 -11.08 -12.24
C TYR B 218 28.60 -10.44 -11.06
N VAL B 219 29.12 -9.22 -11.25
CA VAL B 219 29.63 -8.45 -10.14
C VAL B 219 28.98 -7.06 -10.20
N HIS B 220 28.69 -6.49 -9.03
CA HIS B 220 28.15 -5.15 -8.96
C HIS B 220 29.20 -4.16 -8.45
N ALA B 221 29.43 -3.10 -9.22
CA ALA B 221 30.47 -2.12 -8.89
C ALA B 221 29.89 -0.74 -8.59
N ARG B 222 30.41 -0.12 -7.54
CA ARG B 222 30.06 1.26 -7.20
C ARG B 222 31.33 2.12 -7.19
N LEU B 223 31.23 3.33 -7.72
CA LEU B 223 32.36 4.26 -7.67
C LEU B 223 32.28 5.02 -6.36
N LYS B 224 33.26 4.84 -5.49
CA LYS B 224 33.20 5.51 -4.20
C LYS B 224 34.58 5.69 -3.57
N GLY B 225 34.79 6.87 -2.96
CA GLY B 225 36.03 7.20 -2.29
C GLY B 225 37.23 7.17 -3.23
N GLY B 226 37.03 7.62 -4.46
CA GLY B 226 38.06 7.59 -5.48
C GLY B 226 38.43 6.21 -5.98
N LEU B 227 37.66 5.19 -5.59
CA LEU B 227 37.94 3.82 -5.97
C LEU B 227 36.76 3.14 -6.66
N ILE B 228 37.00 1.95 -7.20
CA ILE B 228 35.92 1.08 -7.61
C ILE B 228 35.65 0.06 -6.51
N LEU B 229 34.42 0.01 -6.01
CA LEU B 229 34.03 -1.09 -5.12
C LEU B 229 33.37 -2.23 -5.88
N LYS B 230 33.92 -3.43 -5.72
CA LYS B 230 33.42 -4.60 -6.42
C LYS B 230 32.69 -5.49 -5.43
N PHE B 231 31.37 -5.57 -5.58
CA PHE B 231 30.53 -6.39 -4.72
C PHE B 231 30.24 -7.67 -5.46
N ASP B 232 31.01 -8.68 -5.14
CA ASP B 232 30.84 -10.00 -5.69
C ASP B 232 30.04 -10.84 -4.70
N SER B 233 28.72 -10.76 -4.81
CA SER B 233 27.85 -11.67 -4.09
C SER B 233 28.23 -11.90 -2.63
N GLY B 234 28.21 -10.84 -1.83
CA GLY B 234 28.44 -10.98 -0.40
C GLY B 234 29.80 -10.51 0.09
N THR B 235 30.76 -10.39 -0.82
CA THR B 235 32.07 -9.85 -0.47
C THR B 235 32.41 -8.58 -1.29
N VAL B 236 33.25 -7.73 -0.73
CA VAL B 236 33.68 -6.56 -1.45
C VAL B 236 35.20 -6.43 -1.45
N SER B 237 35.75 -6.07 -2.61
CA SER B 237 37.14 -5.66 -2.75
C SER B 237 37.20 -4.32 -3.48
N LYS B 238 38.39 -3.73 -3.54
CA LYS B 238 38.61 -2.40 -4.11
C LYS B 238 39.73 -2.39 -5.14
N THR B 239 39.53 -1.65 -6.22
CA THR B 239 40.55 -1.50 -7.25
C THR B 239 40.47 -0.07 -7.81
N SER B 240 41.46 0.34 -8.59
CA SER B 240 41.47 1.67 -9.17
C SER B 240 41.04 1.63 -10.61
N ASP B 241 41.57 0.64 -11.32
CA ASP B 241 41.33 0.50 -12.75
C ASP B 241 40.88 -0.93 -13.00
N TRP B 242 40.00 -1.10 -13.97
CA TRP B 242 39.45 -2.41 -14.23
C TRP B 242 38.98 -2.51 -15.67
N LYS B 243 39.59 -3.41 -16.43
CA LYS B 243 39.09 -3.73 -17.75
C LYS B 243 38.09 -4.89 -17.62
N CYS B 244 36.83 -4.62 -18.00
CA CYS B 244 35.72 -5.52 -17.70
C CYS B 244 34.59 -5.34 -18.72
N LYS B 245 33.69 -6.31 -18.79
CA LYS B 245 32.53 -6.19 -19.69
C LYS B 245 31.34 -5.66 -18.91
N VAL B 246 31.00 -4.42 -19.18
CA VAL B 246 29.93 -3.72 -18.48
C VAL B 246 28.55 -4.05 -19.07
N THR B 247 27.54 -4.17 -18.23
CA THR B 247 26.17 -4.39 -18.75
C THR B 247 25.28 -3.18 -18.45
N ASP B 248 24.89 -3.04 -17.19
CA ASP B 248 24.10 -1.89 -16.76
C ASP B 248 25.03 -0.80 -16.26
N VAL B 249 24.75 0.45 -16.65
CA VAL B 249 25.47 1.59 -16.13
C VAL B 249 24.51 2.60 -15.51
N LEU B 250 24.72 2.95 -14.25
CA LEU B 250 23.87 3.94 -13.59
C LEU B 250 24.52 5.33 -13.52
N PHE B 251 23.88 6.33 -14.12
CA PHE B 251 24.37 7.72 -14.09
C PHE B 251 23.59 8.57 -13.09
N PRO B 252 24.16 9.73 -12.72
CA PRO B 252 23.41 10.65 -11.86
C PRO B 252 22.26 11.36 -12.61
N GLY B 253 21.55 12.23 -11.89
CA GLY B 253 20.51 13.07 -12.49
C GLY B 253 20.96 13.76 -13.77
N GLN B 254 20.14 13.67 -14.82
CA GLN B 254 20.39 14.37 -16.07
C GLN B 254 19.68 15.71 -16.08
N LYS B 255 20.30 16.69 -16.71
CA LYS B 255 19.70 18.01 -16.87
C LYS B 255 20.25 18.59 -18.16
N TYR B 256 19.59 18.24 -19.25
CA TYR B 256 20.12 18.41 -20.58
C TYR B 256 19.07 19.04 -21.53
N SER B 257 19.53 19.93 -22.42
CA SER B 257 18.73 20.33 -23.56
C SER B 257 19.57 20.66 -24.79
N SER B 258 18.94 20.52 -25.94
CA SER B 258 19.54 20.81 -27.24
C SER B 258 18.76 21.91 -27.95
N ASP B 259 19.43 22.98 -28.34
CA ASP B 259 18.80 24.05 -29.10
C ASP B 259 18.28 23.54 -30.43
N ASP C 4 5.51 17.04 -2.50
CA ASP C 4 6.65 17.07 -1.58
C ASP C 4 6.77 18.46 -0.96
N LEU C 5 6.12 18.66 0.18
CA LEU C 5 6.04 19.98 0.82
C LEU C 5 7.27 20.30 1.67
N THR C 6 7.03 21.06 2.75
CA THR C 6 8.07 21.53 3.65
C THR C 6 7.42 22.33 4.76
N VAL C 7 7.97 22.22 5.97
CA VAL C 7 7.40 22.89 7.13
C VAL C 7 8.48 23.57 7.95
N LYS C 8 8.21 24.79 8.42
CA LYS C 8 9.20 25.54 9.16
C LYS C 8 8.89 25.59 10.64
N MET C 9 9.96 25.67 11.45
CA MET C 9 9.83 25.73 12.90
C MET C 9 10.60 26.90 13.47
N LEU C 10 10.84 26.87 14.78
CA LEU C 10 11.52 27.97 15.45
C LEU C 10 12.90 27.55 15.94
N ALA C 11 13.45 26.50 15.34
CA ALA C 11 14.75 25.95 15.76
C ALA C 11 15.95 26.89 15.58
N GLY C 12 16.03 27.66 14.49
CA GLY C 12 15.04 27.67 13.43
C GLY C 12 15.49 26.84 12.23
N ASN C 13 15.11 25.57 12.24
CA ASN C 13 15.43 24.65 11.15
C ASN C 13 14.17 24.19 10.43
N GLU C 14 14.34 23.51 9.30
CA GLU C 14 13.19 22.98 8.58
C GLU C 14 13.42 21.55 8.14
N PHE C 15 12.40 21.00 7.49
CA PHE C 15 12.45 19.69 6.87
C PHE C 15 11.24 19.59 5.96
N GLN C 16 11.22 18.60 5.07
CA GLN C 16 10.12 18.49 4.12
C GLN C 16 9.20 17.32 4.45
N VAL C 17 7.92 17.49 4.22
CA VAL C 17 7.01 16.35 4.23
C VAL C 17 7.17 15.66 2.88
N SER C 18 7.69 14.44 2.91
CA SER C 18 7.95 13.72 1.67
C SER C 18 6.69 13.08 1.16
N LEU C 19 5.76 13.91 0.69
CA LEU C 19 4.50 13.40 0.18
C LEU C 19 3.56 14.45 -0.39
N SER C 20 3.30 14.33 -1.69
CA SER C 20 2.05 14.82 -2.23
C SER C 20 1.25 13.53 -2.47
N SER C 21 0.60 13.06 -1.42
CA SER C 21 0.05 11.71 -1.37
C SER C 21 -0.62 11.51 -0.03
N SER C 22 -1.45 10.47 0.08
CA SER C 22 -2.23 10.24 1.30
C SER C 22 -2.98 11.52 1.63
N MET C 23 -2.23 12.53 2.07
CA MET C 23 -2.63 13.94 2.05
C MET C 23 -3.31 14.45 3.33
N SER C 24 -3.75 13.54 4.20
CA SER C 24 -4.48 13.95 5.40
C SER C 24 -3.68 14.94 6.26
N VAL C 25 -4.29 16.08 6.56
CA VAL C 25 -3.74 17.06 7.50
C VAL C 25 -3.20 16.32 8.73
N SER C 26 -4.01 15.36 9.17
CA SER C 26 -3.67 14.49 10.28
C SER C 26 -2.44 13.63 9.97
N GLU C 27 -2.41 13.02 8.80
CA GLU C 27 -1.25 12.26 8.35
C GLU C 27 -0.05 13.19 8.23
N LEU C 28 -0.32 14.40 7.74
CA LEU C 28 0.68 15.47 7.80
C LEU C 28 1.15 15.57 9.24
N LYS C 29 0.19 15.81 10.13
CA LYS C 29 0.44 15.82 11.56
C LYS C 29 1.23 14.58 11.98
N ALA C 30 0.69 13.40 11.67
CA ALA C 30 1.34 12.13 11.99
C ALA C 30 2.72 12.06 11.34
N GLN C 31 2.79 12.49 10.08
CA GLN C 31 4.05 12.60 9.37
C GLN C 31 4.99 13.45 10.21
N ILE C 32 4.47 14.59 10.67
CA ILE C 32 5.17 15.46 11.59
C ILE C 32 5.43 14.70 12.90
N THR C 33 4.39 14.06 13.40
CA THR C 33 4.45 13.30 14.64
C THR C 33 5.64 12.33 14.64
N GLN C 34 5.67 11.44 13.65
CA GLN C 34 6.71 10.42 13.59
C GLN C 34 8.04 10.93 13.02
N LYS C 35 8.00 12.07 12.34
CA LYS C 35 9.23 12.68 11.83
C LYS C 35 9.94 13.46 12.93
N ILE C 36 9.18 14.11 13.80
CA ILE C 36 9.77 14.94 14.83
C ILE C 36 9.31 14.56 16.24
N GLY C 37 8.62 13.43 16.37
CA GLY C 37 8.21 12.93 17.66
C GLY C 37 7.35 13.90 18.44
N VAL C 38 6.41 14.54 17.75
CA VAL C 38 5.58 15.56 18.39
C VAL C 38 4.09 15.25 18.20
N HIS C 39 3.36 15.25 19.32
CA HIS C 39 1.96 14.84 19.33
C HIS C 39 1.06 15.79 18.55
N ALA C 40 0.20 15.23 17.72
CA ALA C 40 -0.69 16.00 16.86
C ALA C 40 -1.49 17.09 17.59
N PHE C 41 -1.91 16.78 18.81
CA PHE C 41 -2.80 17.70 19.51
C PHE C 41 -2.07 18.97 19.94
N GLN C 42 -0.75 18.94 19.92
CA GLN C 42 0.04 20.12 20.27
C GLN C 42 0.50 20.90 19.05
N GLN C 43 0.24 20.35 17.86
CA GLN C 43 0.69 20.97 16.62
C GLN C 43 -0.20 22.14 16.20
N ARG C 44 0.43 23.28 15.94
CA ARG C 44 -0.28 24.43 15.42
C ARG C 44 0.24 24.75 14.03
N LEU C 45 -0.60 24.55 13.03
CA LEU C 45 -0.20 24.75 11.64
C LEU C 45 -0.76 26.03 11.06
N ALA C 46 0.06 26.69 10.24
CA ALA C 46 -0.36 27.90 9.56
C ALA C 46 0.39 28.04 8.24
N VAL C 47 -0.35 28.36 7.19
CA VAL C 47 0.24 28.49 5.86
C VAL C 47 1.17 29.70 5.79
N HIS C 48 2.37 29.49 5.28
CA HIS C 48 3.35 30.58 5.20
C HIS C 48 3.06 31.53 4.03
N PRO C 49 3.01 32.85 4.31
CA PRO C 49 3.11 33.45 5.64
C PRO C 49 1.77 34.00 6.14
N SER C 50 0.71 33.83 5.35
CA SER C 50 -0.63 34.18 5.81
C SER C 50 -0.99 33.28 7.00
N GLY C 51 -0.77 33.81 8.21
CA GLY C 51 -0.92 33.03 9.43
C GLY C 51 -2.23 32.31 9.65
N VAL C 52 -3.13 32.33 8.66
CA VAL C 52 -4.37 31.57 8.72
C VAL C 52 -4.07 30.09 8.97
N ALA C 53 -4.79 29.49 9.93
CA ALA C 53 -4.36 28.21 10.49
C ALA C 53 -5.28 27.02 10.16
N LEU C 54 -5.94 27.08 9.01
CA LEU C 54 -6.49 25.89 8.35
C LEU C 54 -7.91 25.47 8.73
N GLN C 55 -8.56 24.83 7.76
CA GLN C 55 -9.85 24.20 7.91
C GLN C 55 -9.71 22.78 8.42
N ASP C 56 -10.84 22.08 8.55
CA ASP C 56 -10.84 20.63 8.76
C ASP C 56 -11.85 20.00 7.82
N ARG C 57 -11.37 19.18 6.89
CA ARG C 57 -12.24 18.54 5.92
C ARG C 57 -11.49 17.48 5.12
N VAL C 58 -10.70 17.93 4.15
CA VAL C 58 -9.89 17.02 3.35
C VAL C 58 -8.69 17.73 2.73
N PRO C 59 -7.63 16.96 2.42
CA PRO C 59 -6.39 17.46 1.83
C PRO C 59 -6.57 18.03 0.43
N LEU C 60 -6.26 19.30 0.25
CA LEU C 60 -5.76 20.14 1.34
C LEU C 60 -6.18 21.58 1.12
N ALA C 61 -6.12 22.00 -0.15
CA ALA C 61 -6.56 23.34 -0.54
C ALA C 61 -7.94 23.28 -1.19
N SER C 62 -8.81 24.23 -0.88
CA SER C 62 -8.55 25.30 0.08
C SER C 62 -7.42 26.24 -0.36
N GLN C 63 -6.45 26.46 0.52
CA GLN C 63 -5.46 27.52 0.33
C GLN C 63 -3.99 27.08 0.42
N GLY C 64 -3.69 25.93 -0.15
CA GLY C 64 -2.32 25.44 -0.19
C GLY C 64 -2.27 24.06 -0.80
N LEU C 65 -1.43 23.89 -1.83
CA LEU C 65 -1.34 22.60 -2.50
C LEU C 65 -0.07 22.45 -3.33
N GLY C 66 0.35 21.19 -3.49
CA GLY C 66 1.52 20.86 -4.29
C GLY C 66 2.82 20.99 -3.53
N PRO C 67 3.91 20.44 -4.10
CA PRO C 67 5.26 20.61 -3.59
C PRO C 67 5.72 22.07 -3.52
N GLY C 68 4.96 22.96 -4.17
CA GLY C 68 5.36 24.35 -4.32
C GLY C 68 4.75 25.35 -3.33
N SER C 69 4.67 24.95 -2.06
CA SER C 69 4.24 25.87 -1.01
C SER C 69 4.98 25.53 0.29
N THR C 70 4.59 26.17 1.38
CA THR C 70 5.20 25.92 2.69
C THR C 70 4.19 26.20 3.80
N VAL C 71 4.41 25.59 4.96
CA VAL C 71 3.55 25.85 6.12
C VAL C 71 4.38 25.97 7.38
N LEU C 72 3.88 26.71 8.36
CA LEU C 72 4.60 26.91 9.61
C LEU C 72 4.07 26.01 10.73
N LEU C 73 4.97 25.59 11.60
CA LEU C 73 4.61 24.73 12.73
C LEU C 73 5.11 25.26 14.05
N VAL C 74 4.19 25.56 14.96
CA VAL C 74 4.57 25.85 16.34
C VAL C 74 3.96 24.82 17.27
N VAL C 75 4.76 24.35 18.21
CA VAL C 75 4.31 23.37 19.18
C VAL C 75 3.82 24.03 20.46
N ASP C 76 2.54 23.83 20.78
CA ASP C 76 2.00 24.29 22.05
C ASP C 76 2.53 23.38 23.17
N LYS C 77 3.45 23.91 23.97
CA LYS C 77 4.13 23.11 24.99
C LYS C 77 3.39 23.12 26.32
N SER C 78 2.07 23.33 26.26
CA SER C 78 1.26 23.36 27.46
C SER C 78 0.77 21.97 27.89
N ASP C 79 1.24 21.54 29.06
CA ASP C 79 0.72 20.36 29.72
C ASP C 79 0.40 20.70 31.17
N GLU C 80 -0.39 21.75 31.36
CA GLU C 80 -0.85 22.11 32.69
C GLU C 80 -1.81 21.05 33.20
N PRO C 81 -1.70 20.71 34.49
CA PRO C 81 -2.55 19.67 35.08
C PRO C 81 -4.04 19.97 34.99
N LEU C 82 -4.86 18.91 34.94
CA LEU C 82 -6.31 19.04 35.01
C LEU C 82 -6.90 17.86 35.75
N SER C 83 -8.14 18.02 36.21
CA SER C 83 -8.83 16.95 36.90
C SER C 83 -9.82 16.27 35.97
N ILE C 84 -9.77 14.94 35.91
CA ILE C 84 -10.75 14.20 35.15
C ILE C 84 -11.31 13.08 36.00
N LEU C 85 -12.34 12.42 35.47
CA LEU C 85 -12.99 11.32 36.16
C LEU C 85 -12.73 10.03 35.43
N VAL C 86 -12.54 8.95 36.18
CA VAL C 86 -12.59 7.61 35.61
C VAL C 86 -13.66 6.82 36.36
N ARG C 87 -14.68 6.40 35.64
CA ARG C 87 -15.76 5.61 36.23
C ARG C 87 -15.47 4.13 36.01
N ASN C 88 -15.59 3.35 37.07
CA ASN C 88 -15.16 1.96 37.00
C ASN C 88 -16.29 0.99 36.68
N ASN C 89 -15.92 -0.28 36.63
CA ASN C 89 -16.81 -1.40 36.31
C ASN C 89 -18.20 -1.34 36.95
N LYS C 90 -18.26 -0.87 38.19
CA LYS C 90 -19.52 -0.86 38.95
C LYS C 90 -20.22 0.51 38.87
N GLY C 91 -19.54 1.50 38.30
CA GLY C 91 -20.15 2.80 38.12
C GLY C 91 -19.66 3.85 39.12
N ARG C 92 -18.47 3.62 39.67
CA ARG C 92 -17.86 4.55 40.62
C ARG C 92 -16.85 5.44 39.90
N SER C 93 -17.06 6.75 39.95
CA SER C 93 -16.12 7.70 39.36
C SER C 93 -15.20 8.29 40.40
N SER C 94 -13.90 8.23 40.14
CA SER C 94 -12.92 8.81 41.04
C SER C 94 -12.08 9.83 40.29
N THR C 95 -11.75 10.93 40.98
CA THR C 95 -11.02 12.01 40.36
C THR C 95 -9.54 11.64 40.20
N TYR C 96 -8.92 12.18 39.16
CA TYR C 96 -7.51 11.99 38.92
C TYR C 96 -6.90 13.30 38.46
N GLU C 97 -5.69 13.58 38.89
CA GLU C 97 -4.94 14.69 38.32
C GLU C 97 -4.15 14.16 37.15
N VAL C 98 -4.22 14.83 36.00
CA VAL C 98 -3.51 14.37 34.83
C VAL C 98 -2.96 15.52 33.99
N ARG C 99 -2.15 15.17 33.02
CA ARG C 99 -1.68 16.10 32.01
C ARG C 99 -1.99 15.49 30.65
N LEU C 100 -2.40 16.32 29.70
CA LEU C 100 -2.73 15.84 28.38
C LEU C 100 -1.54 15.17 27.73
N THR C 101 -0.37 15.35 28.35
CA THR C 101 0.91 14.91 27.81
C THR C 101 1.23 13.47 28.24
N GLN C 102 0.68 13.05 29.37
CA GLN C 102 0.82 11.68 29.80
C GLN C 102 0.11 10.75 28.83
N THR C 103 0.63 9.53 28.70
CA THR C 103 0.02 8.51 27.86
C THR C 103 -1.21 7.93 28.54
N VAL C 104 -2.05 7.26 27.73
CA VAL C 104 -3.17 6.50 28.24
C VAL C 104 -2.65 5.46 29.24
N ALA C 105 -1.51 4.87 28.91
CA ALA C 105 -0.88 3.86 29.75
C ALA C 105 -0.55 4.42 31.13
N HIS C 106 -0.10 5.66 31.16
CA HIS C 106 0.20 6.29 32.43
C HIS C 106 -1.08 6.44 33.26
N LEU C 107 -2.13 6.99 32.67
CA LEU C 107 -3.41 7.11 33.37
C LEU C 107 -3.91 5.76 33.84
N LYS C 108 -3.70 4.74 33.03
CA LYS C 108 -4.06 3.38 33.44
C LYS C 108 -3.27 2.95 34.69
N GLN C 109 -1.98 3.25 34.75
CA GLN C 109 -1.20 2.99 35.97
C GLN C 109 -1.88 3.63 37.19
N GLN C 110 -2.27 4.89 37.06
CA GLN C 110 -3.01 5.57 38.14
C GLN C 110 -4.24 4.78 38.53
N VAL C 111 -5.09 4.50 37.54
CA VAL C 111 -6.35 3.80 37.77
C VAL C 111 -6.11 2.42 38.35
N SER C 112 -5.16 1.69 37.77
CA SER C 112 -4.76 0.40 38.31
C SER C 112 -4.36 0.56 39.77
N GLY C 113 -3.72 1.68 40.07
CA GLY C 113 -3.35 2.00 41.44
C GLY C 113 -4.58 2.05 42.33
N LEU C 114 -5.48 2.99 42.03
CA LEU C 114 -6.64 3.25 42.87
C LEU C 114 -7.75 2.18 42.82
N GLU C 115 -7.64 1.21 41.91
CA GLU C 115 -8.73 0.23 41.78
C GLU C 115 -8.30 -1.17 42.15
N GLY C 116 -6.99 -1.42 42.13
CA GLY C 116 -6.45 -2.72 42.47
C GLY C 116 -6.65 -3.76 41.38
N VAL C 117 -6.48 -3.35 40.12
CA VAL C 117 -6.59 -4.24 38.97
C VAL C 117 -5.37 -4.05 38.07
N GLN C 118 -4.72 -5.15 37.70
CA GLN C 118 -3.55 -5.08 36.83
C GLN C 118 -3.87 -4.28 35.57
N ASP C 119 -2.98 -3.34 35.25
CA ASP C 119 -3.15 -2.39 34.15
C ASP C 119 -3.53 -3.03 32.81
N ASP C 120 -3.10 -4.25 32.55
CA ASP C 120 -3.41 -4.91 31.29
C ASP C 120 -4.67 -5.80 31.39
N LEU C 121 -5.29 -5.82 32.57
CA LEU C 121 -6.53 -6.57 32.78
C LEU C 121 -7.80 -5.74 32.55
N PHE C 122 -7.67 -4.57 31.91
CA PHE C 122 -8.80 -3.70 31.60
C PHE C 122 -8.43 -2.68 30.52
N TRP C 123 -9.42 -1.95 30.02
CA TRP C 123 -9.18 -0.96 28.98
C TRP C 123 -10.15 0.23 29.10
N LEU C 124 -9.80 1.34 28.45
CA LEU C 124 -10.52 2.60 28.66
C LEU C 124 -11.21 3.11 27.40
N THR C 125 -12.35 3.75 27.60
CA THR C 125 -13.08 4.43 26.52
C THR C 125 -13.44 5.85 26.92
N PHE C 126 -13.48 6.72 25.91
CA PHE C 126 -13.99 8.07 26.10
C PHE C 126 -15.01 8.38 25.02
N GLU C 127 -16.20 8.74 25.47
CA GLU C 127 -17.36 9.02 24.60
C GLU C 127 -17.47 8.00 23.44
N GLY C 128 -17.50 6.72 23.79
CA GLY C 128 -17.68 5.65 22.82
C GLY C 128 -16.41 5.17 22.14
N LYS C 129 -15.32 5.90 22.32
CA LYS C 129 -14.09 5.58 21.60
C LYS C 129 -13.05 4.97 22.52
N PRO C 130 -12.31 4.00 22.01
CA PRO C 130 -11.28 3.32 22.80
C PRO C 130 -10.02 4.16 22.87
N LEU C 131 -9.42 4.27 24.06
CA LEU C 131 -8.13 4.92 24.23
C LEU C 131 -6.96 3.95 24.04
N GLU C 132 -6.05 4.26 23.12
CA GLU C 132 -4.88 3.41 22.89
C GLU C 132 -3.71 3.77 23.82
N ASP C 133 -3.11 2.73 24.40
CA ASP C 133 -2.07 2.86 25.44
C ASP C 133 -0.96 3.85 25.12
N GLN C 134 -0.43 3.77 23.91
CA GLN C 134 0.76 4.53 23.54
C GLN C 134 0.46 6.00 23.27
N LEU C 135 -0.80 6.34 23.06
CA LEU C 135 -1.12 7.70 22.70
C LEU C 135 -1.35 8.55 23.94
N PRO C 136 -1.12 9.87 23.81
CA PRO C 136 -1.32 10.80 24.92
C PRO C 136 -2.78 11.19 25.14
N LEU C 137 -3.13 11.47 26.39
CA LEU C 137 -4.49 11.86 26.75
C LEU C 137 -5.02 12.98 25.86
N GLY C 138 -4.14 13.91 25.51
CA GLY C 138 -4.54 15.04 24.69
C GLY C 138 -5.03 14.65 23.31
N GLU C 139 -4.72 13.43 22.89
CA GLU C 139 -5.18 12.97 21.58
C GLU C 139 -6.72 12.88 21.55
N TYR C 140 -7.30 12.69 22.72
CA TYR C 140 -8.72 12.40 22.82
C TYR C 140 -9.57 13.57 23.28
N GLY C 141 -9.00 14.77 23.24
CA GLY C 141 -9.75 15.98 23.55
C GLY C 141 -10.28 15.95 24.97
N LEU C 142 -9.52 15.36 25.87
CA LEU C 142 -9.90 15.31 27.28
C LEU C 142 -10.01 16.72 27.86
N LYS C 143 -11.05 16.94 28.64
CA LYS C 143 -11.34 18.22 29.24
C LYS C 143 -11.41 18.11 30.76
N PRO C 144 -11.33 19.26 31.44
CA PRO C 144 -11.58 19.27 32.88
C PRO C 144 -12.89 18.57 33.19
N LEU C 145 -12.78 17.49 33.95
CA LEU C 145 -13.92 16.72 34.43
C LEU C 145 -14.53 15.82 33.34
N SER C 146 -13.80 15.59 32.25
CA SER C 146 -14.21 14.54 31.31
C SER C 146 -14.36 13.23 32.06
N THR C 147 -15.29 12.38 31.63
CA THR C 147 -15.47 11.07 32.27
C THR C 147 -14.97 9.93 31.38
N VAL C 148 -13.96 9.23 31.86
CA VAL C 148 -13.41 8.10 31.13
C VAL C 148 -14.00 6.81 31.68
N PHE C 149 -14.29 5.84 30.83
CA PHE C 149 -14.89 4.59 31.31
C PHE C 149 -13.91 3.45 31.30
N MET C 150 -13.97 2.66 32.36
CA MET C 150 -13.11 1.52 32.56
C MET C 150 -13.86 0.26 32.18
N ASN C 151 -13.30 -0.51 31.26
CA ASN C 151 -13.92 -1.76 30.84
C ASN C 151 -13.00 -2.94 31.17
N LEU C 152 -13.54 -3.97 31.80
CA LEU C 152 -12.74 -5.14 32.12
C LEU C 152 -12.32 -5.85 30.85
N ARG C 153 -11.11 -6.40 30.86
CA ARG C 153 -10.64 -7.20 29.75
C ARG C 153 -11.15 -8.62 29.97
N LEU C 154 -12.17 -9.00 29.21
CA LEU C 154 -12.76 -10.32 29.36
C LEU C 154 -11.78 -11.31 28.82
N ARG C 155 -12.05 -12.58 29.11
CA ARG C 155 -11.23 -13.65 28.65
C ARG C 155 -12.12 -14.73 28.04
N GLY C 156 -11.98 -14.91 26.72
CA GLY C 156 -12.77 -15.91 26.04
C GLY C 156 -11.90 -16.56 24.99
N ASP D 4 -15.61 7.25 -6.63
CA ASP D 4 -16.12 6.21 -7.51
C ASP D 4 -16.80 6.79 -8.75
N LEU D 5 -16.20 6.57 -9.92
CA LEU D 5 -16.76 7.03 -11.19
C LEU D 5 -17.38 5.89 -11.99
N THR D 6 -18.60 6.10 -12.45
CA THR D 6 -19.23 5.15 -13.35
C THR D 6 -18.68 5.35 -14.76
N VAL D 7 -18.57 4.27 -15.50
CA VAL D 7 -18.14 4.32 -16.90
C VAL D 7 -19.19 3.67 -17.78
N LYS D 8 -19.52 4.33 -18.87
CA LYS D 8 -20.56 3.81 -19.75
C LYS D 8 -19.97 3.08 -20.94
N MET D 9 -20.65 2.00 -21.35
CA MET D 9 -20.24 1.24 -22.52
C MET D 9 -21.35 1.24 -23.57
N LEU D 10 -20.94 1.13 -24.84
CA LEU D 10 -21.86 1.26 -25.97
C LEU D 10 -23.09 0.36 -25.82
N ALA D 11 -22.89 -0.87 -25.37
CA ALA D 11 -24.01 -1.76 -25.12
C ALA D 11 -24.18 -2.00 -23.62
N GLY D 12 -23.12 -1.74 -22.86
CA GLY D 12 -23.09 -2.04 -21.44
C GLY D 12 -22.63 -3.47 -21.23
N ASN D 13 -22.85 -4.00 -20.03
CA ASN D 13 -23.46 -3.25 -18.96
C ASN D 13 -22.44 -2.29 -18.35
N GLU D 14 -22.92 -1.21 -17.72
CA GLU D 14 -22.02 -0.23 -17.12
C GLU D 14 -21.44 -0.72 -15.80
N PHE D 15 -20.45 0.00 -15.29
CA PHE D 15 -19.86 -0.28 -13.99
C PHE D 15 -19.24 0.99 -13.41
N GLN D 16 -18.79 0.93 -12.17
CA GLN D 16 -18.17 2.09 -11.54
C GLN D 16 -16.70 1.85 -11.22
N VAL D 17 -15.96 2.94 -11.07
CA VAL D 17 -14.54 2.88 -10.78
C VAL D 17 -14.27 3.20 -9.31
N SER D 18 -13.94 2.17 -8.54
CA SER D 18 -13.66 2.34 -7.12
C SER D 18 -12.35 3.10 -6.90
N LEU D 19 -12.26 4.30 -7.44
CA LEU D 19 -11.00 5.03 -7.42
C LEU D 19 -11.12 6.51 -7.04
N SER D 20 -10.67 6.82 -5.83
CA SER D 20 -10.22 8.16 -5.47
C SER D 20 -8.73 8.00 -5.19
N SER D 21 -8.18 6.90 -5.69
CA SER D 21 -6.81 6.46 -5.41
C SER D 21 -5.76 7.30 -6.14
N SER D 22 -4.96 6.63 -6.95
CA SER D 22 -3.88 7.29 -7.69
C SER D 22 -4.43 8.37 -8.60
N MET D 23 -5.65 8.17 -9.09
CA MET D 23 -6.32 9.13 -9.97
C MET D 23 -5.59 9.31 -11.29
N SER D 24 -5.18 8.19 -11.89
CA SER D 24 -4.50 8.22 -13.19
C SER D 24 -5.32 7.51 -14.25
N VAL D 25 -5.49 8.18 -15.38
CA VAL D 25 -6.24 7.66 -16.52
C VAL D 25 -5.93 6.18 -16.78
N SER D 26 -4.65 5.85 -16.70
CA SER D 26 -4.17 4.53 -17.09
C SER D 26 -4.58 3.44 -16.09
N GLU D 27 -4.44 3.74 -14.79
CA GLU D 27 -4.90 2.80 -13.76
C GLU D 27 -6.39 2.55 -13.93
N LEU D 28 -7.11 3.63 -14.21
CA LEU D 28 -8.49 3.54 -14.66
C LEU D 28 -8.60 2.49 -15.75
N LYS D 29 -7.81 2.67 -16.80
CA LYS D 29 -7.74 1.72 -17.91
C LYS D 29 -7.42 0.31 -17.39
N ALA D 30 -6.37 0.20 -16.57
CA ALA D 30 -6.01 -1.07 -15.96
C ALA D 30 -7.18 -1.63 -15.15
N GLN D 31 -7.80 -0.76 -14.36
CA GLN D 31 -9.00 -1.12 -13.63
C GLN D 31 -10.04 -1.65 -14.61
N ILE D 32 -10.21 -0.91 -15.71
CA ILE D 32 -11.06 -1.35 -16.81
C ILE D 32 -10.47 -2.61 -17.43
N THR D 33 -9.14 -2.61 -17.55
CA THR D 33 -8.40 -3.72 -18.13
C THR D 33 -8.76 -5.04 -17.43
N GLN D 34 -8.92 -5.00 -16.11
CA GLN D 34 -9.33 -6.19 -15.38
C GLN D 34 -10.83 -6.27 -15.18
N LYS D 35 -11.47 -5.12 -14.99
CA LYS D 35 -12.90 -5.08 -14.78
C LYS D 35 -13.63 -5.76 -15.93
N ILE D 36 -13.08 -5.63 -17.15
CA ILE D 36 -13.74 -6.19 -18.32
C ILE D 36 -12.74 -6.71 -19.37
N GLY D 37 -11.50 -6.95 -18.95
CA GLY D 37 -10.51 -7.54 -19.82
C GLY D 37 -10.19 -6.76 -21.09
N VAL D 38 -9.96 -5.46 -20.95
CA VAL D 38 -9.76 -4.59 -22.12
C VAL D 38 -8.40 -3.89 -22.13
N HIS D 39 -7.63 -4.15 -23.18
CA HIS D 39 -6.29 -3.57 -23.32
C HIS D 39 -6.36 -2.06 -23.47
N ALA D 40 -5.56 -1.36 -22.66
CA ALA D 40 -5.57 0.10 -22.62
C ALA D 40 -5.48 0.77 -23.99
N PHE D 41 -4.72 0.18 -24.90
CA PHE D 41 -4.46 0.84 -26.17
C PHE D 41 -5.70 0.83 -27.06
N GLN D 42 -6.69 0.04 -26.67
CA GLN D 42 -7.95 -0.04 -27.41
C GLN D 42 -9.04 0.81 -26.78
N GLN D 43 -8.74 1.41 -25.64
CA GLN D 43 -9.73 2.20 -24.92
C GLN D 43 -9.83 3.61 -25.48
N ARG D 44 -11.06 4.03 -25.79
CA ARG D 44 -11.35 5.39 -26.18
C ARG D 44 -12.26 5.99 -25.13
N LEU D 45 -11.70 6.86 -24.29
CA LEU D 45 -12.44 7.46 -23.19
C LEU D 45 -12.90 8.87 -23.52
N ALA D 46 -14.12 9.19 -23.11
CA ALA D 46 -14.67 10.52 -23.31
C ALA D 46 -15.54 10.95 -22.13
N VAL D 47 -15.54 12.25 -21.85
CA VAL D 47 -16.35 12.81 -20.78
C VAL D 47 -17.84 12.68 -21.13
N HIS D 48 -18.63 12.21 -20.18
CA HIS D 48 -20.06 12.03 -20.40
C HIS D 48 -20.86 13.15 -19.74
N PRO D 49 -21.82 13.73 -20.46
CA PRO D 49 -22.19 13.40 -21.84
C PRO D 49 -21.65 14.41 -22.84
N SER D 50 -20.64 15.16 -22.43
CA SER D 50 -20.05 16.15 -23.31
C SER D 50 -19.39 15.49 -24.52
N GLY D 51 -19.00 14.22 -24.35
CA GLY D 51 -18.31 13.50 -25.40
C GLY D 51 -16.93 14.05 -25.66
N VAL D 52 -16.40 14.80 -24.70
CA VAL D 52 -15.11 15.46 -24.85
C VAL D 52 -13.93 14.51 -24.68
N ALA D 53 -12.94 14.64 -25.55
CA ALA D 53 -11.74 13.80 -25.48
C ALA D 53 -10.96 14.10 -24.22
N LEU D 54 -10.37 13.06 -23.63
CA LEU D 54 -9.61 13.23 -22.40
C LEU D 54 -8.27 13.92 -22.61
N GLN D 55 -7.97 14.87 -21.74
CA GLN D 55 -6.63 15.42 -21.66
C GLN D 55 -5.69 14.30 -21.27
N ASP D 56 -4.53 14.20 -21.93
CA ASP D 56 -3.56 13.19 -21.55
C ASP D 56 -3.13 13.47 -20.11
N ARG D 57 -3.09 12.43 -19.28
CA ARG D 57 -2.88 12.59 -17.85
C ARG D 57 -4.05 13.41 -17.29
N VAL D 58 -3.76 14.62 -16.83
CA VAL D 58 -4.73 15.61 -16.32
C VAL D 58 -6.08 15.04 -15.89
N PRO D 59 -6.07 14.10 -14.92
CA PRO D 59 -7.29 13.41 -14.50
C PRO D 59 -8.41 14.37 -14.08
N LEU D 60 -8.33 14.87 -12.86
CA LEU D 60 -9.36 15.75 -12.31
C LEU D 60 -8.82 17.17 -12.14
N ALA D 61 -7.67 17.44 -12.75
CA ALA D 61 -7.05 18.77 -12.67
C ALA D 61 -7.87 19.78 -13.46
N SER D 62 -8.30 19.39 -14.65
CA SER D 62 -9.16 20.25 -15.46
C SER D 62 -10.62 19.86 -15.27
N GLN D 63 -10.91 18.57 -15.46
CA GLN D 63 -12.28 18.07 -15.38
C GLN D 63 -12.39 16.78 -14.57
N GLY D 64 -12.90 16.88 -13.36
CA GLY D 64 -13.20 15.72 -12.54
C GLY D 64 -14.55 15.16 -12.90
N LEU D 65 -15.34 14.79 -11.90
CA LEU D 65 -14.93 14.84 -10.50
C LEU D 65 -15.85 13.95 -9.69
N GLY D 66 -15.56 12.64 -9.69
CA GLY D 66 -16.39 11.66 -9.01
C GLY D 66 -16.22 11.67 -7.50
N PRO D 67 -17.13 11.02 -6.77
CA PRO D 67 -18.28 10.22 -7.22
C PRO D 67 -19.30 10.93 -8.12
N GLY D 68 -19.18 12.24 -8.31
CA GLY D 68 -20.14 12.99 -9.12
C GLY D 68 -19.68 13.28 -10.53
N SER D 69 -19.37 12.23 -11.29
CA SER D 69 -18.87 12.37 -12.66
C SER D 69 -18.96 11.04 -13.42
N THR D 70 -19.10 11.12 -14.74
CA THR D 70 -19.20 9.92 -15.56
C THR D 70 -18.25 9.96 -16.76
N VAL D 71 -17.75 8.80 -17.15
CA VAL D 71 -16.90 8.67 -18.33
C VAL D 71 -17.50 7.66 -19.29
N LEU D 72 -17.36 7.92 -20.59
CA LEU D 72 -17.84 6.98 -21.60
C LEU D 72 -16.70 6.20 -22.22
N LEU D 73 -16.90 4.89 -22.38
CA LEU D 73 -15.85 4.01 -22.88
C LEU D 73 -16.21 3.37 -24.22
N VAL D 74 -15.39 3.63 -25.23
CA VAL D 74 -15.52 2.98 -26.53
C VAL D 74 -14.30 2.11 -26.80
N VAL D 75 -14.53 0.86 -27.20
CA VAL D 75 -13.42 -0.03 -27.53
C VAL D 75 -13.15 -0.06 -29.03
N ASP D 76 -11.97 0.42 -29.44
CA ASP D 76 -11.64 0.52 -30.86
C ASP D 76 -11.58 -0.86 -31.52
N LYS D 77 -10.87 -1.79 -30.89
CA LYS D 77 -10.93 -3.20 -31.30
C LYS D 77 -10.61 -3.41 -32.78
N SER D 78 -10.00 -2.39 -33.40
CA SER D 78 -9.40 -2.59 -34.72
C SER D 78 -8.15 -3.44 -34.53
N ASP D 79 -7.80 -4.18 -35.57
CA ASP D 79 -6.81 -5.22 -35.43
C ASP D 79 -6.31 -5.69 -36.78
N GLU D 80 -6.22 -4.75 -37.72
CA GLU D 80 -5.71 -5.07 -39.03
C GLU D 80 -4.27 -5.54 -38.90
N PRO D 81 -3.84 -6.41 -39.81
CA PRO D 81 -2.43 -6.82 -39.86
C PRO D 81 -1.51 -5.66 -40.18
N LEU D 82 -0.28 -5.71 -39.68
CA LEU D 82 0.76 -4.79 -40.09
C LEU D 82 2.06 -5.55 -40.14
N SER D 83 3.03 -4.99 -40.85
CA SER D 83 4.37 -5.57 -40.89
C SER D 83 5.30 -4.80 -39.98
N ILE D 84 6.13 -5.54 -39.25
CA ILE D 84 7.17 -4.95 -38.42
C ILE D 84 8.47 -5.67 -38.69
N LEU D 85 9.56 -5.11 -38.21
CA LEU D 85 10.86 -5.77 -38.31
C LEU D 85 11.29 -6.21 -36.92
N VAL D 86 11.97 -7.35 -36.85
CA VAL D 86 12.65 -7.74 -35.64
C VAL D 86 14.12 -8.01 -35.99
N ARG D 87 15.01 -7.30 -35.30
CA ARG D 87 16.44 -7.41 -35.55
C ARG D 87 17.13 -8.24 -34.47
N ASN D 88 17.99 -9.17 -34.88
CA ASN D 88 18.61 -10.09 -33.95
C ASN D 88 19.98 -9.61 -33.47
N ASN D 89 20.59 -10.37 -32.55
CA ASN D 89 21.84 -9.97 -31.90
C ASN D 89 23.00 -9.80 -32.88
N LYS D 90 22.88 -10.44 -34.03
CA LYS D 90 23.89 -10.30 -35.09
C LYS D 90 23.59 -9.09 -35.98
N GLY D 91 22.42 -8.48 -35.78
CA GLY D 91 22.09 -7.23 -36.42
C GLY D 91 21.29 -7.30 -37.71
N ARG D 92 20.65 -8.44 -37.99
CA ARG D 92 19.82 -8.54 -39.20
C ARG D 92 18.34 -8.45 -38.83
N SER D 93 17.59 -7.69 -39.62
CA SER D 93 16.16 -7.55 -39.44
C SER D 93 15.39 -8.44 -40.41
N SER D 94 14.33 -9.07 -39.92
CA SER D 94 13.44 -9.85 -40.77
C SER D 94 12.03 -9.33 -40.58
N THR D 95 11.19 -9.48 -41.60
CA THR D 95 9.84 -8.92 -41.55
C THR D 95 8.87 -9.91 -40.91
N TYR D 96 7.84 -9.37 -40.26
CA TYR D 96 6.81 -10.18 -39.63
C TYR D 96 5.46 -9.53 -39.81
N GLU D 97 4.46 -10.34 -40.12
CA GLU D 97 3.09 -9.88 -40.05
C GLU D 97 2.61 -10.07 -38.62
N VAL D 98 1.97 -9.06 -38.07
CA VAL D 98 1.49 -9.13 -36.70
C VAL D 98 0.18 -8.37 -36.54
N ARG D 99 -0.41 -8.51 -35.36
CA ARG D 99 -1.57 -7.71 -34.98
C ARG D 99 -1.30 -7.12 -33.62
N LEU D 100 -1.70 -5.87 -33.42
CA LEU D 100 -1.46 -5.18 -32.16
C LEU D 100 -2.12 -5.94 -31.01
N THR D 101 -3.01 -6.85 -31.37
CA THR D 101 -3.79 -7.60 -30.41
C THR D 101 -3.02 -8.83 -29.91
N GLN D 102 -2.11 -9.33 -30.74
CA GLN D 102 -1.23 -10.41 -30.30
C GLN D 102 -0.38 -9.94 -29.13
N THR D 103 0.05 -10.88 -28.31
CA THR D 103 0.90 -10.57 -27.17
C THR D 103 2.36 -10.57 -27.60
N VAL D 104 3.21 -10.04 -26.73
CA VAL D 104 4.65 -10.10 -26.94
C VAL D 104 5.06 -11.56 -27.05
N ALA D 105 4.50 -12.38 -26.15
CA ALA D 105 4.75 -13.82 -26.16
C ALA D 105 4.50 -14.41 -27.55
N HIS D 106 3.41 -14.03 -28.17
CA HIS D 106 3.09 -14.54 -29.50
C HIS D 106 4.19 -14.18 -30.48
N LEU D 107 4.49 -12.89 -30.59
CA LEU D 107 5.57 -12.43 -31.46
C LEU D 107 6.89 -13.12 -31.15
N LYS D 108 7.14 -13.41 -29.87
CA LYS D 108 8.33 -14.19 -29.52
C LYS D 108 8.28 -15.59 -30.13
N GLN D 109 7.14 -16.27 -30.05
CA GLN D 109 7.03 -17.61 -30.65
C GLN D 109 7.30 -17.49 -32.15
N GLN D 110 6.79 -16.42 -32.75
CA GLN D 110 6.93 -16.20 -34.18
C GLN D 110 8.36 -15.78 -34.56
N VAL D 111 9.14 -15.28 -33.59
CA VAL D 111 10.55 -14.94 -33.81
C VAL D 111 11.42 -16.14 -33.48
N SER D 112 11.04 -16.84 -32.41
CA SER D 112 11.67 -18.09 -32.03
C SER D 112 11.67 -19.09 -33.19
N GLY D 113 10.58 -19.07 -33.95
CA GLY D 113 10.47 -19.92 -35.11
C GLY D 113 11.51 -19.58 -36.16
N LEU D 114 11.58 -18.31 -36.53
CA LEU D 114 12.45 -17.88 -37.62
C LEU D 114 13.93 -17.82 -37.26
N GLU D 115 14.25 -17.77 -35.97
CA GLU D 115 15.65 -17.62 -35.56
C GLU D 115 16.22 -18.91 -34.99
N GLY D 116 15.32 -19.83 -34.63
CA GLY D 116 15.71 -21.10 -34.05
C GLY D 116 16.24 -20.96 -32.64
N VAL D 117 15.59 -20.13 -31.83
CA VAL D 117 16.00 -19.95 -30.44
C VAL D 117 14.81 -20.14 -29.49
N GLN D 118 15.01 -20.96 -28.45
CA GLN D 118 13.95 -21.22 -27.46
C GLN D 118 13.39 -19.88 -26.94
N ASP D 119 12.07 -19.74 -27.04
CA ASP D 119 11.34 -18.50 -26.70
C ASP D 119 11.79 -17.82 -25.39
N ASP D 120 12.11 -18.61 -24.37
CA ASP D 120 12.52 -18.05 -23.09
C ASP D 120 14.03 -17.82 -23.00
N LEU D 121 14.73 -18.00 -24.11
CA LEU D 121 16.18 -17.77 -24.13
C LEU D 121 16.54 -16.41 -24.74
N PHE D 122 15.57 -15.53 -24.92
CA PHE D 122 15.83 -14.15 -25.37
C PHE D 122 14.72 -13.22 -24.92
N TRP D 123 14.90 -11.92 -25.17
CA TRP D 123 13.89 -10.93 -24.80
C TRP D 123 13.92 -9.75 -25.75
N LEU D 124 12.82 -9.02 -25.82
CA LEU D 124 12.67 -7.99 -26.84
C LEU D 124 12.63 -6.59 -26.25
N THR D 125 13.19 -5.64 -27.00
CA THR D 125 13.07 -4.22 -26.67
C THR D 125 12.55 -3.40 -27.85
N PHE D 126 11.83 -2.32 -27.53
CA PHE D 126 11.39 -1.36 -28.54
C PHE D 126 11.68 0.06 -28.09
N GLU D 127 12.47 0.77 -28.91
CA GLU D 127 12.91 2.13 -28.59
C GLU D 127 13.39 2.24 -27.13
N GLY D 128 14.30 1.35 -26.75
CA GLY D 128 14.90 1.38 -25.44
C GLY D 128 14.08 0.77 -24.32
N LYS D 129 12.87 0.33 -24.62
CA LYS D 129 12.01 -0.18 -23.57
C LYS D 129 11.79 -1.66 -23.74
N PRO D 130 11.76 -2.40 -22.62
CA PRO D 130 11.55 -3.86 -22.65
C PRO D 130 10.10 -4.23 -22.93
N LEU D 131 9.87 -5.21 -23.78
CA LEU D 131 8.53 -5.76 -24.03
C LEU D 131 8.19 -6.89 -23.05
N GLU D 132 7.13 -6.71 -22.27
CA GLU D 132 6.64 -7.75 -21.37
C GLU D 132 5.71 -8.69 -22.13
N ASP D 133 6.03 -9.99 -22.10
CA ASP D 133 5.40 -10.92 -23.04
C ASP D 133 3.92 -11.19 -22.80
N GLN D 134 3.41 -10.90 -21.60
CA GLN D 134 1.98 -11.02 -21.35
C GLN D 134 1.18 -9.89 -22.01
N LEU D 135 1.82 -8.75 -22.24
CA LEU D 135 1.11 -7.60 -22.78
C LEU D 135 0.97 -7.68 -24.29
N PRO D 136 -0.03 -6.98 -24.84
CA PRO D 136 -0.22 -6.90 -26.29
C PRO D 136 0.73 -5.92 -26.97
N LEU D 137 1.12 -6.24 -28.20
CA LEU D 137 1.98 -5.39 -29.02
C LEU D 137 1.49 -3.96 -29.05
N GLY D 138 0.18 -3.78 -29.17
CA GLY D 138 -0.41 -2.46 -29.25
C GLY D 138 -0.17 -1.62 -28.01
N GLU D 139 0.24 -2.27 -26.94
CA GLU D 139 0.60 -1.55 -25.72
C GLU D 139 1.83 -0.65 -25.97
N TYR D 140 2.66 -1.05 -26.92
CA TYR D 140 3.94 -0.36 -27.10
C TYR D 140 3.96 0.56 -28.29
N GLY D 141 2.78 0.85 -28.84
CA GLY D 141 2.67 1.80 -29.92
C GLY D 141 3.48 1.36 -31.13
N LEU D 142 3.49 0.07 -31.40
CA LEU D 142 4.15 -0.43 -32.59
C LEU D 142 3.42 0.06 -33.84
N LYS D 143 4.19 0.28 -34.91
CA LYS D 143 3.62 0.79 -36.15
C LYS D 143 4.19 0.02 -37.32
N PRO D 144 3.61 0.23 -38.51
CA PRO D 144 4.16 -0.43 -39.70
C PRO D 144 5.65 -0.15 -39.85
N LEU D 145 6.43 -1.23 -39.82
CA LEU D 145 7.87 -1.17 -40.03
C LEU D 145 8.66 -0.73 -38.79
N SER D 146 8.01 -0.64 -37.63
CA SER D 146 8.74 -0.52 -36.37
C SER D 146 9.80 -1.61 -36.26
N THR D 147 10.97 -1.27 -35.71
CA THR D 147 12.03 -2.24 -35.49
C THR D 147 12.13 -2.66 -34.04
N VAL D 148 11.96 -3.97 -33.80
CA VAL D 148 12.07 -4.50 -32.46
C VAL D 148 13.43 -5.16 -32.30
N PHE D 149 14.03 -5.01 -31.14
CA PHE D 149 15.37 -5.56 -30.94
C PHE D 149 15.33 -6.82 -30.11
N MET D 150 16.09 -7.79 -30.58
CA MET D 150 16.17 -9.11 -29.94
C MET D 150 17.40 -9.15 -29.05
N ASN D 151 17.20 -9.48 -27.78
CA ASN D 151 18.31 -9.56 -26.85
C ASN D 151 18.44 -10.96 -26.27
N LEU D 152 19.63 -11.55 -26.35
CA LEU D 152 19.87 -12.86 -25.76
C LEU D 152 19.71 -12.82 -24.25
N ARG D 153 19.07 -13.86 -23.70
CA ARG D 153 19.01 -14.01 -22.26
C ARG D 153 20.35 -14.56 -21.75
N LEU D 154 21.20 -13.68 -21.25
CA LEU D 154 22.46 -14.11 -20.69
C LEU D 154 22.17 -15.04 -19.53
N ARG D 155 23.19 -15.76 -19.14
CA ARG D 155 23.14 -16.64 -17.98
C ARG D 155 24.38 -16.40 -17.11
N GLY D 156 24.14 -15.85 -15.92
CA GLY D 156 25.21 -15.59 -14.99
C GLY D 156 24.72 -15.84 -13.59
#